data_2GH5
#
_entry.id   2GH5
#
_cell.length_a   84.700
_cell.length_b   63.600
_cell.length_c   103.990
_cell.angle_alpha   90.00
_cell.angle_beta   101.12
_cell.angle_gamma   90.00
#
_symmetry.space_group_name_H-M   'P 1 21 1'
#
loop_
_entity.id
_entity.type
_entity.pdbx_description
1 polymer 'glutathione reductase, mitochondrial'
2 non-polymer 'PHOSPHATE ION'
3 non-polymer '6-(3-METHYL-1,4-DIOXO-1,4-DIHYDRONAPHTHALEN-2-YL)HEXANOIC ACID'
4 non-polymer 'FLAVIN-ADENINE DINUCLEOTIDE'
5 non-polymer GLYCEROL
6 water water
#
_entity_poly.entity_id   1
_entity_poly.type   'polypeptide(L)'
_entity_poly.pdbx_seq_one_letter_code
;ACRQEPQPQGPPPAAGAVASYDYLVIGGGSGGLASARRAAELGARAAVVESHKLGGTCVNVGCVPKKVMWNTAVHSEFMH
DHADYGFPSCEGKFNWRVIKEKRDAYVSRLNAIYQNNLTKSHIEIIRGHAAFTSDPKPTIEVSGKKYTAPHILIATGGMP
STPHESQIPGASLGITSDGFFQLEELPGRSVIVGAGYIAVEMAGILSALGSKTSLMIRHDKVLRSFDSMISTNCTEELEN
AGVEVLKFSQVKEVKKTLSGLEVSMVTAVPGRLPVMTMIPDVDCLLWAIGRVPNTKDLSLNKLGIQTDDKGHIIVDEFQN
TNVKGIYAVGDVCGKALLTPVAIAAGRKLAHRLFEYKEDSKLDYNNIPTVVFSHPPIGTVGLTEDEAIHKYGIENVKTYS
TSFTPMYHAVTKRKTKCVMKMVCANKEEKVVGIHMQGLGCDEMLQGFAVAVKMGATKADFDNTVAIHPTSSEELVTLR
;
_entity_poly.pdbx_strand_id   A,B
#
loop_
_chem_comp.id
_chem_comp.type
_chem_comp.name
_chem_comp.formula
ELI non-polymer '6-(3-METHYL-1,4-DIOXO-1,4-DIHYDRONAPHTHALEN-2-YL)HEXANOIC ACID' 'C17 H18 O4'
FAD non-polymer 'FLAVIN-ADENINE DINUCLEOTIDE' 'C27 H33 N9 O15 P2'
GOL non-polymer GLYCEROL 'C3 H8 O3'
PO4 non-polymer 'PHOSPHATE ION' 'O4 P -3'
#
# COMPACT_ATOMS: atom_id res chain seq x y z
N VAL A 18 -39.00 -14.49 32.89
CA VAL A 18 -38.15 -14.21 31.70
C VAL A 18 -37.12 -13.11 32.02
N ALA A 19 -35.88 -13.32 31.61
CA ALA A 19 -34.82 -12.34 31.85
C ALA A 19 -35.00 -11.17 30.89
N SER A 20 -34.93 -9.95 31.43
CA SER A 20 -35.10 -8.75 30.62
C SER A 20 -33.79 -7.97 30.47
N TYR A 21 -33.56 -7.49 29.25
CA TYR A 21 -32.35 -6.72 28.94
C TYR A 21 -32.73 -5.47 28.15
N ASP A 22 -31.76 -4.61 27.93
CA ASP A 22 -32.00 -3.39 27.16
C ASP A 22 -31.75 -3.72 25.69
N TYR A 23 -30.87 -4.68 25.46
CA TYR A 23 -30.49 -5.05 24.11
C TYR A 23 -30.15 -6.54 23.96
N LEU A 24 -30.87 -7.21 23.06
CA LEU A 24 -30.63 -8.61 22.79
C LEU A 24 -30.12 -8.74 21.35
N VAL A 25 -28.96 -9.36 21.18
CA VAL A 25 -28.35 -9.53 19.86
C VAL A 25 -28.28 -11.00 19.48
N ILE A 26 -28.91 -11.36 18.37
CA ILE A 26 -28.88 -12.75 17.90
C ILE A 26 -27.76 -12.89 16.88
N GLY A 27 -26.71 -13.59 17.28
CA GLY A 27 -25.57 -13.78 16.39
C GLY A 27 -24.33 -13.10 16.93
N GLY A 28 -23.29 -13.90 17.19
CA GLY A 28 -22.07 -13.34 17.73
C GLY A 28 -20.98 -13.20 16.68
N GLY A 29 -21.33 -12.58 15.56
CA GLY A 29 -20.36 -12.38 14.50
C GLY A 29 -19.93 -10.92 14.46
N SER A 30 -19.43 -10.49 13.31
CA SER A 30 -18.99 -9.11 13.14
C SER A 30 -20.03 -8.05 13.53
N GLY A 31 -21.22 -8.16 12.96
CA GLY A 31 -22.26 -7.19 13.24
C GLY A 31 -22.79 -7.22 14.66
N GLY A 32 -23.10 -8.42 15.13
CA GLY A 32 -23.63 -8.56 16.48
C GLY A 32 -22.69 -8.09 17.59
N LEU A 33 -21.47 -8.59 17.58
CA LEU A 33 -20.49 -8.22 18.59
C LEU A 33 -20.17 -6.73 18.57
N ALA A 34 -20.07 -6.16 17.38
CA ALA A 34 -19.77 -4.74 17.28
C ALA A 34 -20.89 -3.90 17.89
N SER A 35 -22.14 -4.28 17.60
CA SER A 35 -23.28 -3.53 18.11
C SER A 35 -23.45 -3.73 19.62
N ALA A 36 -23.29 -4.96 20.08
CA ALA A 36 -23.42 -5.27 21.50
C ALA A 36 -22.40 -4.53 22.35
N ARG A 37 -21.14 -4.50 21.91
CA ARG A 37 -20.10 -3.83 22.66
C ARG A 37 -20.26 -2.31 22.72
N ARG A 38 -20.74 -1.72 21.64
CA ARG A 38 -20.92 -0.26 21.65
C ARG A 38 -22.11 0.08 22.55
N ALA A 39 -23.16 -0.72 22.48
CA ALA A 39 -24.35 -0.50 23.30
C ALA A 39 -23.95 -0.53 24.78
N ALA A 40 -23.13 -1.51 25.14
CA ALA A 40 -22.66 -1.68 26.51
C ALA A 40 -21.84 -0.48 26.98
N GLU A 41 -20.99 0.04 26.10
CA GLU A 41 -20.17 1.19 26.45
C GLU A 41 -21.07 2.39 26.75
N LEU A 42 -22.26 2.39 26.16
CA LEU A 42 -23.21 3.47 26.38
C LEU A 42 -24.12 3.18 27.59
N GLY A 43 -23.82 2.08 28.29
CA GLY A 43 -24.59 1.72 29.47
C GLY A 43 -25.64 0.65 29.33
N ALA A 44 -25.96 0.27 28.10
CA ALA A 44 -26.98 -0.76 27.88
C ALA A 44 -26.65 -2.10 28.51
N ARG A 45 -27.68 -2.77 29.02
CA ARG A 45 -27.50 -4.09 29.61
C ARG A 45 -27.82 -5.02 28.45
N ALA A 46 -26.80 -5.65 27.88
CA ALA A 46 -26.97 -6.50 26.72
C ALA A 46 -26.50 -7.94 26.87
N ALA A 47 -26.99 -8.78 25.99
CA ALA A 47 -26.66 -10.19 25.94
C ALA A 47 -26.56 -10.59 24.47
N VAL A 48 -25.63 -11.47 24.15
CA VAL A 48 -25.44 -11.95 22.79
C VAL A 48 -25.73 -13.44 22.74
N VAL A 49 -26.51 -13.85 21.75
CA VAL A 49 -26.85 -15.27 21.58
C VAL A 49 -26.06 -15.85 20.41
N GLU A 50 -25.29 -16.90 20.68
CA GLU A 50 -24.48 -17.55 19.64
C GLU A 50 -24.62 -19.07 19.71
N SER A 51 -24.93 -19.68 18.57
CA SER A 51 -25.11 -21.13 18.51
C SER A 51 -23.83 -21.90 18.19
N HIS A 52 -22.81 -21.21 17.72
CA HIS A 52 -21.54 -21.85 17.37
C HIS A 52 -20.33 -21.16 17.99
N LYS A 53 -19.41 -20.73 17.13
CA LYS A 53 -18.19 -20.08 17.60
C LYS A 53 -18.27 -18.56 17.53
N LEU A 54 -17.96 -17.90 18.64
CA LEU A 54 -17.98 -16.44 18.67
C LEU A 54 -16.98 -15.96 17.63
N GLY A 55 -17.29 -14.84 16.99
CA GLY A 55 -16.40 -14.32 15.96
C GLY A 55 -17.06 -14.49 14.61
N GLY A 56 -17.92 -15.49 14.49
CA GLY A 56 -18.63 -15.72 13.25
C GLY A 56 -17.78 -16.08 12.05
N THR A 57 -18.26 -15.69 10.87
CA THR A 57 -17.59 -15.98 9.62
C THR A 57 -16.22 -15.33 9.44
N CYS A 58 -16.09 -14.07 9.85
CA CYS A 58 -14.83 -13.33 9.73
C CYS A 58 -13.59 -14.09 10.23
N VAL A 59 -13.58 -14.44 11.51
CA VAL A 59 -12.43 -15.13 12.08
C VAL A 59 -12.35 -16.63 11.85
N ASN A 60 -13.49 -17.29 11.75
CA ASN A 60 -13.50 -18.73 11.59
C ASN A 60 -13.43 -19.32 10.19
N VAL A 61 -14.17 -18.75 9.24
CA VAL A 61 -14.16 -19.30 7.89
C VAL A 61 -14.25 -18.24 6.81
N GLY A 62 -13.68 -17.07 7.08
CA GLY A 62 -13.74 -15.99 6.11
C GLY A 62 -12.47 -15.17 6.05
N CYS A 63 -12.64 -13.86 6.21
CA CYS A 63 -11.58 -12.86 6.16
C CYS A 63 -10.20 -13.28 6.66
N VAL A 64 -10.11 -13.58 7.95
CA VAL A 64 -8.83 -13.92 8.55
C VAL A 64 -8.11 -15.14 7.99
N PRO A 65 -8.72 -16.34 8.07
CA PRO A 65 -8.03 -17.51 7.52
C PRO A 65 -7.77 -17.39 6.02
N LYS A 66 -8.66 -16.69 5.31
CA LYS A 66 -8.48 -16.48 3.87
C LYS A 66 -7.19 -15.68 3.63
N LYS A 67 -7.01 -14.59 4.39
CA LYS A 67 -5.83 -13.74 4.24
C LYS A 67 -4.54 -14.51 4.55
N VAL A 68 -4.59 -15.40 5.55
CA VAL A 68 -3.39 -16.18 5.87
C VAL A 68 -3.04 -17.07 4.67
N MET A 69 -4.06 -17.66 4.05
CA MET A 69 -3.81 -18.51 2.89
C MET A 69 -3.35 -17.69 1.69
N TRP A 70 -3.83 -16.44 1.59
CA TRP A 70 -3.42 -15.57 0.50
C TRP A 70 -1.93 -15.21 0.69
N ASN A 71 -1.55 -14.88 1.92
CA ASN A 71 -0.15 -14.55 2.20
C ASN A 71 0.74 -15.74 1.84
N THR A 72 0.23 -16.95 2.08
CA THR A 72 0.97 -18.17 1.77
C THR A 72 1.14 -18.29 0.25
N ALA A 73 0.06 -18.03 -0.48
CA ALA A 73 0.08 -18.10 -1.94
C ALA A 73 1.08 -17.09 -2.48
N VAL A 74 1.14 -15.92 -1.86
CA VAL A 74 2.07 -14.88 -2.30
C VAL A 74 3.51 -15.37 -2.09
N HIS A 75 3.75 -16.10 -1.01
CA HIS A 75 5.08 -16.62 -0.72
C HIS A 75 5.51 -17.59 -1.82
N SER A 76 4.54 -18.26 -2.42
CA SER A 76 4.85 -19.18 -3.50
C SER A 76 5.32 -18.37 -4.69
N GLU A 77 4.68 -17.23 -4.92
CA GLU A 77 5.08 -16.36 -6.03
C GLU A 77 6.52 -15.89 -5.81
N PHE A 78 6.89 -15.66 -4.55
CA PHE A 78 8.23 -15.20 -4.20
C PHE A 78 9.26 -16.27 -4.54
N MET A 79 8.94 -17.51 -4.19
CA MET A 79 9.83 -18.63 -4.46
C MET A 79 10.20 -18.62 -5.94
N HIS A 80 9.22 -18.36 -6.80
CA HIS A 80 9.45 -18.35 -8.25
C HIS A 80 10.36 -17.25 -8.79
N ASP A 81 10.45 -16.12 -8.10
CA ASP A 81 11.30 -15.02 -8.56
C ASP A 81 12.65 -15.00 -7.85
N HIS A 82 12.85 -15.93 -6.92
CA HIS A 82 14.08 -15.98 -6.13
C HIS A 82 15.35 -15.98 -6.97
N ALA A 83 15.41 -16.85 -7.97
CA ALA A 83 16.59 -16.92 -8.83
C ALA A 83 16.81 -15.61 -9.58
N ASP A 84 15.74 -15.02 -10.10
CA ASP A 84 15.83 -13.76 -10.85
C ASP A 84 16.41 -12.64 -10.00
N TYR A 85 16.22 -12.71 -8.69
CA TYR A 85 16.72 -11.68 -7.80
C TYR A 85 18.11 -11.97 -7.23
N GLY A 86 18.85 -12.83 -7.93
CA GLY A 86 20.21 -13.15 -7.52
C GLY A 86 20.50 -14.27 -6.54
N PHE A 87 19.52 -15.10 -6.25
CA PHE A 87 19.70 -16.21 -5.32
C PHE A 87 19.56 -17.56 -6.01
N PRO A 88 19.99 -18.64 -5.34
CA PRO A 88 19.88 -19.97 -5.93
C PRO A 88 18.42 -20.38 -5.82
N SER A 89 17.89 -21.05 -6.84
CA SER A 89 16.50 -21.48 -6.86
C SER A 89 16.13 -22.35 -5.66
N CYS A 90 14.88 -22.24 -5.21
CA CYS A 90 14.39 -23.05 -4.08
C CYS A 90 13.68 -24.26 -4.67
N GLU A 91 13.51 -25.30 -3.86
CA GLU A 91 12.82 -26.50 -4.32
C GLU A 91 11.40 -26.14 -4.74
N GLY A 92 10.46 -26.19 -3.80
CA GLY A 92 9.08 -25.85 -4.13
C GLY A 92 8.02 -26.79 -3.61
N LYS A 93 8.41 -27.76 -2.80
CA LYS A 93 7.46 -28.73 -2.26
C LYS A 93 6.67 -28.15 -1.08
N PHE A 94 5.52 -27.54 -1.38
CA PHE A 94 4.68 -26.95 -0.34
C PHE A 94 4.04 -28.02 0.53
N ASN A 95 3.94 -27.73 1.82
CA ASN A 95 3.34 -28.66 2.77
C ASN A 95 2.12 -27.98 3.38
N TRP A 96 0.95 -28.28 2.82
CA TRP A 96 -0.31 -27.70 3.29
C TRP A 96 -0.56 -27.91 4.77
N ARG A 97 -0.28 -29.12 5.25
CA ARG A 97 -0.50 -29.45 6.65
C ARG A 97 0.18 -28.47 7.61
N VAL A 98 1.39 -28.03 7.25
CA VAL A 98 2.14 -27.08 8.07
C VAL A 98 1.41 -25.75 8.29
N ILE A 99 0.94 -25.13 7.21
CA ILE A 99 0.25 -23.85 7.32
C ILE A 99 -1.13 -24.03 7.94
N LYS A 100 -1.77 -25.16 7.63
CA LYS A 100 -3.09 -25.46 8.15
C LYS A 100 -3.06 -25.43 9.69
N GLU A 101 -2.05 -26.09 10.27
CA GLU A 101 -1.92 -26.14 11.72
C GLU A 101 -1.65 -24.76 12.32
N LYS A 102 -0.80 -23.97 11.66
CA LYS A 102 -0.49 -22.64 12.18
C LYS A 102 -1.67 -21.70 12.04
N ARG A 103 -2.43 -21.86 10.96
CA ARG A 103 -3.60 -21.03 10.72
C ARG A 103 -4.66 -21.32 11.81
N ASP A 104 -4.89 -22.60 12.10
CA ASP A 104 -5.86 -22.99 13.13
C ASP A 104 -5.46 -22.44 14.49
N ALA A 105 -4.17 -22.47 14.79
CA ALA A 105 -3.66 -21.95 16.07
C ALA A 105 -3.91 -20.45 16.18
N TYR A 106 -3.72 -19.74 15.07
CA TYR A 106 -3.93 -18.30 15.06
C TYR A 106 -5.39 -17.96 15.32
N VAL A 107 -6.30 -18.71 14.69
CA VAL A 107 -7.73 -18.50 14.87
C VAL A 107 -8.12 -18.77 16.32
N SER A 108 -7.50 -19.79 16.91
CA SER A 108 -7.78 -20.13 18.31
C SER A 108 -7.37 -18.97 19.22
N ARG A 109 -6.22 -18.38 18.94
CA ARG A 109 -5.75 -17.25 19.75
C ARG A 109 -6.72 -16.07 19.63
N LEU A 110 -7.19 -15.80 18.42
CA LEU A 110 -8.12 -14.70 18.22
C LEU A 110 -9.42 -14.94 18.99
N ASN A 111 -9.95 -16.15 18.89
CA ASN A 111 -11.18 -16.50 19.57
C ASN A 111 -11.07 -16.35 21.08
N ALA A 112 -9.89 -16.66 21.61
CA ALA A 112 -9.65 -16.56 23.05
C ALA A 112 -9.47 -15.11 23.48
N ILE A 113 -8.50 -14.42 22.86
CA ILE A 113 -8.22 -13.03 23.17
C ILE A 113 -9.48 -12.17 23.07
N TYR A 114 -10.40 -12.57 22.20
CA TYR A 114 -11.62 -11.82 22.01
C TYR A 114 -12.68 -12.11 23.06
N GLN A 115 -12.97 -13.38 23.31
CA GLN A 115 -13.96 -13.76 24.30
C GLN A 115 -13.72 -12.98 25.58
N ASN A 116 -12.46 -12.61 25.79
CA ASN A 116 -12.08 -11.84 26.95
C ASN A 116 -12.73 -10.46 26.87
N ASN A 117 -12.78 -9.91 25.67
CA ASN A 117 -13.36 -8.59 25.45
C ASN A 117 -14.85 -8.56 25.79
N LEU A 118 -15.57 -9.62 25.44
CA LEU A 118 -16.99 -9.67 25.75
C LEU A 118 -17.15 -9.68 27.27
N THR A 119 -16.18 -10.26 27.97
CA THR A 119 -16.22 -10.33 29.43
C THR A 119 -15.92 -8.96 30.01
N LYS A 120 -14.90 -8.30 29.47
CA LYS A 120 -14.52 -6.97 29.94
C LYS A 120 -15.64 -5.95 29.73
N SER A 121 -16.47 -6.18 28.73
CA SER A 121 -17.58 -5.27 28.44
C SER A 121 -18.82 -5.63 29.26
N HIS A 122 -18.71 -6.71 30.02
CA HIS A 122 -19.79 -7.20 30.87
C HIS A 122 -21.05 -7.50 30.07
N ILE A 123 -20.83 -8.15 28.93
CA ILE A 123 -21.93 -8.54 28.05
C ILE A 123 -22.19 -10.02 28.30
N GLU A 124 -23.44 -10.37 28.60
CA GLU A 124 -23.79 -11.76 28.85
C GLU A 124 -23.82 -12.56 27.55
N ILE A 125 -23.24 -13.75 27.58
CA ILE A 125 -23.21 -14.61 26.40
C ILE A 125 -24.18 -15.77 26.59
N ILE A 126 -25.12 -15.91 25.65
CA ILE A 126 -26.11 -16.96 25.70
C ILE A 126 -25.82 -17.99 24.61
N ARG A 127 -25.37 -19.17 25.02
CA ARG A 127 -25.05 -20.24 24.09
C ARG A 127 -26.28 -20.99 23.61
N GLY A 128 -26.43 -21.10 22.29
CA GLY A 128 -27.57 -21.81 21.73
C GLY A 128 -28.26 -21.13 20.56
N HIS A 129 -29.22 -21.84 19.97
CA HIS A 129 -29.98 -21.33 18.84
C HIS A 129 -31.15 -20.50 19.33
N ALA A 130 -31.28 -19.28 18.80
CA ALA A 130 -32.36 -18.39 19.20
C ALA A 130 -33.47 -18.36 18.15
N ALA A 131 -34.71 -18.21 18.63
CA ALA A 131 -35.88 -18.13 17.77
C ALA A 131 -36.92 -17.24 18.43
N PHE A 132 -37.65 -16.47 17.64
CA PHE A 132 -38.67 -15.57 18.14
C PHE A 132 -39.90 -16.32 18.66
N THR A 133 -40.47 -15.84 19.76
CA THR A 133 -41.66 -16.45 20.33
C THR A 133 -42.88 -15.68 19.84
N SER A 134 -44.06 -16.28 20.00
CA SER A 134 -45.30 -15.65 19.57
C SER A 134 -45.81 -14.62 20.58
N ASP A 135 -45.02 -14.36 21.62
CA ASP A 135 -45.38 -13.40 22.64
C ASP A 135 -45.55 -12.01 22.01
N PRO A 136 -46.65 -11.32 22.34
CA PRO A 136 -46.91 -9.98 21.80
C PRO A 136 -45.73 -9.04 22.00
N LYS A 137 -44.99 -9.24 23.08
CA LYS A 137 -43.83 -8.41 23.38
C LYS A 137 -42.60 -9.08 22.75
N PRO A 138 -41.67 -8.27 22.22
CA PRO A 138 -40.45 -8.81 21.60
C PRO A 138 -39.71 -9.78 22.51
N THR A 139 -39.90 -11.07 22.25
CA THR A 139 -39.27 -12.10 23.06
C THR A 139 -38.71 -13.25 22.23
N ILE A 140 -37.56 -13.75 22.65
CA ILE A 140 -36.91 -14.86 21.97
C ILE A 140 -36.73 -16.03 22.93
N GLU A 141 -36.52 -17.22 22.39
CA GLU A 141 -36.33 -18.42 23.20
C GLU A 141 -35.07 -19.18 22.77
N VAL A 142 -34.25 -19.53 23.76
CA VAL A 142 -33.02 -20.27 23.50
C VAL A 142 -33.00 -21.53 24.35
N SER A 143 -33.00 -22.69 23.69
CA SER A 143 -32.98 -23.99 24.36
C SER A 143 -34.32 -24.29 25.02
N GLY A 144 -34.71 -23.43 25.94
CA GLY A 144 -35.98 -23.62 26.64
C GLY A 144 -36.27 -22.47 27.57
N LYS A 145 -35.48 -21.40 27.45
CA LYS A 145 -35.65 -20.22 28.29
C LYS A 145 -36.01 -19.01 27.43
N LYS A 146 -36.82 -18.11 27.99
CA LYS A 146 -37.24 -16.91 27.27
C LYS A 146 -36.42 -15.69 27.67
N TYR A 147 -36.20 -14.79 26.71
CA TYR A 147 -35.45 -13.57 26.93
C TYR A 147 -36.19 -12.45 26.20
N THR A 148 -36.21 -11.25 26.79
CA THR A 148 -36.90 -10.13 26.16
C THR A 148 -36.15 -8.83 26.32
N ALA A 149 -36.51 -7.85 25.51
CA ALA A 149 -35.89 -6.53 25.53
C ALA A 149 -36.66 -5.62 24.58
N PRO A 150 -36.62 -4.30 24.83
CA PRO A 150 -37.32 -3.36 23.95
C PRO A 150 -36.62 -3.23 22.60
N HIS A 151 -35.37 -3.68 22.54
CA HIS A 151 -34.58 -3.62 21.33
C HIS A 151 -33.94 -4.99 21.04
N ILE A 152 -34.21 -5.54 19.87
CA ILE A 152 -33.63 -6.83 19.49
C ILE A 152 -33.01 -6.74 18.10
N LEU A 153 -31.72 -7.09 18.01
CA LEU A 153 -30.99 -7.05 16.75
C LEU A 153 -30.78 -8.45 16.16
N ILE A 154 -31.11 -8.60 14.89
CA ILE A 154 -30.92 -9.87 14.20
C ILE A 154 -29.63 -9.72 13.37
N ALA A 155 -28.59 -10.44 13.73
CA ALA A 155 -27.31 -10.36 13.01
C ALA A 155 -26.78 -11.77 12.82
N THR A 156 -27.59 -12.61 12.19
CA THR A 156 -27.30 -14.02 11.98
C THR A 156 -26.47 -14.41 10.75
N GLY A 157 -26.01 -13.41 10.00
CA GLY A 157 -25.19 -13.70 8.83
C GLY A 157 -25.79 -14.64 7.79
N GLY A 158 -24.90 -15.35 7.09
CA GLY A 158 -25.34 -16.27 6.06
C GLY A 158 -24.47 -17.51 5.94
N MET A 159 -24.61 -18.24 4.84
CA MET A 159 -23.84 -19.45 4.61
C MET A 159 -23.67 -19.70 3.10
N PRO A 160 -22.72 -20.58 2.72
CA PRO A 160 -22.50 -20.86 1.30
C PRO A 160 -23.67 -21.59 0.63
N SER A 161 -23.89 -21.27 -0.63
CA SER A 161 -24.97 -21.86 -1.41
C SER A 161 -24.51 -23.09 -2.18
N THR A 162 -25.29 -24.17 -2.12
CA THR A 162 -24.97 -25.39 -2.84
C THR A 162 -26.16 -25.79 -3.69
N PRO A 163 -25.91 -26.38 -4.87
CA PRO A 163 -27.00 -26.80 -5.76
C PRO A 163 -27.80 -27.94 -5.16
N HIS A 164 -29.06 -28.05 -5.56
CA HIS A 164 -29.92 -29.13 -5.07
C HIS A 164 -29.62 -30.39 -5.87
N GLU A 165 -29.71 -31.53 -5.20
CA GLU A 165 -29.44 -32.81 -5.83
C GLU A 165 -30.33 -33.00 -7.06
N SER A 166 -31.55 -32.48 -6.98
CA SER A 166 -32.51 -32.58 -8.08
C SER A 166 -32.06 -31.79 -9.30
N GLN A 167 -31.40 -30.66 -9.07
CA GLN A 167 -30.91 -29.81 -10.16
C GLN A 167 -29.63 -30.37 -10.79
N ILE A 168 -28.65 -30.63 -9.94
CA ILE A 168 -27.37 -31.17 -10.40
C ILE A 168 -27.05 -32.40 -9.55
N PRO A 169 -27.32 -33.60 -10.09
CA PRO A 169 -27.04 -34.82 -9.34
C PRO A 169 -25.56 -34.98 -8.99
N GLY A 170 -25.29 -35.27 -7.73
CA GLY A 170 -23.92 -35.45 -7.27
C GLY A 170 -23.31 -34.16 -6.75
N ALA A 171 -24.08 -33.09 -6.73
CA ALA A 171 -23.59 -31.80 -6.25
C ALA A 171 -23.05 -31.90 -4.83
N SER A 172 -23.62 -32.79 -4.04
CA SER A 172 -23.21 -32.98 -2.65
C SER A 172 -21.77 -33.48 -2.55
N LEU A 173 -21.21 -33.93 -3.67
CA LEU A 173 -19.84 -34.43 -3.68
C LEU A 173 -18.84 -33.27 -3.65
N GLY A 174 -19.35 -32.07 -3.88
CA GLY A 174 -18.49 -30.90 -3.87
C GLY A 174 -18.51 -30.21 -2.52
N ILE A 175 -17.54 -29.34 -2.28
CA ILE A 175 -17.45 -28.61 -1.02
C ILE A 175 -17.64 -27.12 -1.29
N THR A 176 -17.67 -26.32 -0.23
CA THR A 176 -17.81 -24.88 -0.34
C THR A 176 -16.62 -24.24 0.36
N SER A 177 -16.67 -22.92 0.55
CA SER A 177 -15.59 -22.23 1.23
C SER A 177 -15.44 -22.76 2.65
N ASP A 178 -16.53 -23.25 3.24
CA ASP A 178 -16.47 -23.82 4.58
C ASP A 178 -15.56 -25.04 4.55
N GLY A 179 -15.76 -25.89 3.54
CA GLY A 179 -14.95 -27.08 3.40
C GLY A 179 -13.52 -26.77 3.03
N PHE A 180 -13.32 -25.65 2.32
CA PHE A 180 -11.98 -25.23 1.93
C PHE A 180 -11.10 -25.09 3.17
N PHE A 181 -11.68 -24.51 4.23
CA PHE A 181 -10.93 -24.30 5.46
C PHE A 181 -10.77 -25.53 6.33
N GLN A 182 -11.37 -26.64 5.90
CA GLN A 182 -11.27 -27.90 6.63
C GLN A 182 -10.24 -28.79 5.94
N LEU A 183 -9.83 -28.40 4.73
CA LEU A 183 -8.86 -29.19 3.98
C LEU A 183 -7.56 -29.35 4.78
N GLU A 184 -7.01 -30.56 4.76
CA GLU A 184 -5.77 -30.82 5.49
C GLU A 184 -4.62 -31.11 4.53
N GLU A 185 -4.93 -31.13 3.23
CA GLU A 185 -3.91 -31.38 2.22
C GLU A 185 -4.26 -30.65 0.93
N LEU A 186 -3.24 -30.42 0.11
CA LEU A 186 -3.43 -29.72 -1.16
C LEU A 186 -4.06 -30.64 -2.21
N PRO A 187 -5.24 -30.26 -2.74
CA PRO A 187 -5.88 -31.10 -3.76
C PRO A 187 -5.01 -31.10 -5.01
N GLY A 188 -4.81 -32.26 -5.62
CA GLY A 188 -3.99 -32.31 -6.82
C GLY A 188 -4.63 -31.60 -8.00
N ARG A 189 -5.94 -31.77 -8.15
CA ARG A 189 -6.71 -31.16 -9.24
C ARG A 189 -7.95 -30.51 -8.64
N SER A 190 -8.15 -29.22 -8.90
CA SER A 190 -9.29 -28.51 -8.36
C SER A 190 -10.14 -27.83 -9.44
N VAL A 191 -11.44 -27.82 -9.24
CA VAL A 191 -12.37 -27.14 -10.14
C VAL A 191 -13.24 -26.25 -9.25
N ILE A 192 -13.16 -24.94 -9.48
CA ILE A 192 -13.95 -24.00 -8.69
C ILE A 192 -15.06 -23.49 -9.58
N VAL A 193 -16.29 -23.51 -9.07
CA VAL A 193 -17.44 -23.04 -9.85
C VAL A 193 -17.95 -21.72 -9.31
N GLY A 194 -17.86 -20.68 -10.14
CA GLY A 194 -18.31 -19.37 -9.73
C GLY A 194 -17.45 -18.28 -10.37
N ALA A 195 -17.96 -17.05 -10.37
CA ALA A 195 -17.24 -15.92 -10.96
C ALA A 195 -17.14 -14.73 -10.00
N GLY A 196 -17.63 -14.91 -8.77
CA GLY A 196 -17.59 -13.86 -7.76
C GLY A 196 -16.24 -13.74 -7.07
N TYR A 197 -16.07 -12.80 -6.15
CA TYR A 197 -14.76 -12.65 -5.53
C TYR A 197 -14.30 -13.85 -4.73
N ILE A 198 -15.21 -14.57 -4.07
CA ILE A 198 -14.81 -15.74 -3.30
C ILE A 198 -14.26 -16.83 -4.25
N ALA A 199 -14.93 -17.03 -5.39
CA ALA A 199 -14.50 -18.02 -6.38
C ALA A 199 -13.11 -17.63 -6.88
N VAL A 200 -12.92 -16.37 -7.22
CA VAL A 200 -11.64 -15.87 -7.71
C VAL A 200 -10.52 -16.03 -6.67
N GLU A 201 -10.80 -15.67 -5.43
CA GLU A 201 -9.78 -15.79 -4.40
C GLU A 201 -9.37 -17.24 -4.17
N MET A 202 -10.34 -18.15 -4.10
CA MET A 202 -10.03 -19.56 -3.87
C MET A 202 -9.23 -20.16 -5.02
N ALA A 203 -9.65 -19.90 -6.25
CA ALA A 203 -8.95 -20.44 -7.41
C ALA A 203 -7.49 -19.94 -7.41
N GLY A 204 -7.30 -18.66 -7.11
CA GLY A 204 -5.96 -18.10 -7.08
C GLY A 204 -5.06 -18.73 -6.04
N ILE A 205 -5.59 -18.94 -4.83
CA ILE A 205 -4.81 -19.55 -3.76
C ILE A 205 -4.45 -20.99 -4.10
N LEU A 206 -5.42 -21.78 -4.54
CA LEU A 206 -5.15 -23.18 -4.87
C LEU A 206 -4.14 -23.35 -6.00
N SER A 207 -4.27 -22.52 -7.04
CA SER A 207 -3.38 -22.59 -8.19
C SER A 207 -1.94 -22.19 -7.80
N ALA A 208 -1.81 -21.10 -7.06
CA ALA A 208 -0.49 -20.63 -6.64
C ALA A 208 0.25 -21.65 -5.78
N LEU A 209 -0.51 -22.41 -4.98
CA LEU A 209 0.11 -23.40 -4.10
C LEU A 209 0.40 -24.75 -4.76
N GLY A 210 0.05 -24.88 -6.04
CA GLY A 210 0.36 -26.11 -6.74
C GLY A 210 -0.76 -26.96 -7.32
N SER A 211 -2.01 -26.62 -7.05
CA SER A 211 -3.10 -27.44 -7.59
C SER A 211 -3.38 -27.09 -9.05
N LYS A 212 -3.65 -28.11 -9.88
CA LYS A 212 -3.98 -27.90 -11.28
C LYS A 212 -5.41 -27.40 -11.18
N THR A 213 -5.59 -26.10 -11.40
CA THR A 213 -6.88 -25.43 -11.22
C THR A 213 -7.64 -24.92 -12.43
N SER A 214 -8.96 -25.11 -12.40
CA SER A 214 -9.86 -24.62 -13.44
C SER A 214 -10.92 -23.81 -12.70
N LEU A 215 -11.40 -22.74 -13.34
CA LEU A 215 -12.44 -21.89 -12.75
C LEU A 215 -13.56 -21.88 -13.79
N MET A 216 -14.73 -22.41 -13.44
CA MET A 216 -15.85 -22.50 -14.36
C MET A 216 -16.80 -21.32 -14.17
N ILE A 217 -17.02 -20.55 -15.22
CA ILE A 217 -17.90 -19.38 -15.15
C ILE A 217 -19.00 -19.41 -16.23
N ARG A 218 -20.15 -18.82 -15.90
CA ARG A 218 -21.31 -18.82 -16.81
C ARG A 218 -21.18 -17.95 -18.05
N HIS A 219 -20.30 -16.95 -18.00
CA HIS A 219 -20.12 -16.06 -19.13
C HIS A 219 -18.67 -16.01 -19.61
N ASP A 220 -18.21 -14.86 -20.08
CA ASP A 220 -16.86 -14.73 -20.61
C ASP A 220 -15.81 -14.20 -19.65
N LYS A 221 -16.23 -13.53 -18.59
CA LYS A 221 -15.28 -12.94 -17.65
C LYS A 221 -15.74 -13.06 -16.21
N VAL A 222 -14.80 -12.89 -15.28
CA VAL A 222 -15.14 -12.94 -13.85
C VAL A 222 -15.46 -11.53 -13.34
N LEU A 223 -15.99 -11.46 -12.13
CA LEU A 223 -16.32 -10.19 -11.49
C LEU A 223 -17.09 -9.22 -12.40
N ARG A 224 -18.13 -9.72 -13.05
CA ARG A 224 -18.91 -8.90 -13.96
C ARG A 224 -19.62 -7.70 -13.32
N SER A 225 -19.73 -7.68 -12.00
CA SER A 225 -20.37 -6.55 -11.33
C SER A 225 -19.38 -5.42 -11.09
N PHE A 226 -18.09 -5.71 -11.29
CA PHE A 226 -17.04 -4.70 -11.12
C PHE A 226 -16.88 -3.89 -12.40
N ASP A 227 -16.05 -2.85 -12.35
CA ASP A 227 -15.83 -2.03 -13.53
C ASP A 227 -15.30 -2.92 -14.67
N SER A 228 -15.70 -2.61 -15.89
CA SER A 228 -15.29 -3.39 -17.05
C SER A 228 -13.79 -3.65 -17.15
N MET A 229 -12.98 -2.66 -16.78
CA MET A 229 -11.53 -2.80 -16.84
C MET A 229 -11.04 -3.89 -15.88
N ILE A 230 -11.64 -3.93 -14.70
CA ILE A 230 -11.29 -4.93 -13.69
C ILE A 230 -11.75 -6.31 -14.11
N SER A 231 -12.98 -6.40 -14.59
CA SER A 231 -13.52 -7.70 -15.03
C SER A 231 -12.62 -8.29 -16.11
N THR A 232 -12.24 -7.47 -17.08
CA THR A 232 -11.38 -7.93 -18.17
C THR A 232 -9.98 -8.29 -17.69
N ASN A 233 -9.36 -7.37 -16.96
CA ASN A 233 -8.01 -7.60 -16.47
C ASN A 233 -7.88 -8.78 -15.54
N CYS A 234 -8.83 -8.94 -14.63
CA CYS A 234 -8.76 -10.03 -13.67
C CYS A 234 -8.85 -11.39 -14.37
N THR A 235 -9.69 -11.46 -15.40
CA THR A 235 -9.84 -12.72 -16.13
C THR A 235 -8.51 -13.07 -16.80
N GLU A 236 -7.86 -12.07 -17.41
CA GLU A 236 -6.60 -12.28 -18.09
C GLU A 236 -5.46 -12.67 -17.13
N GLU A 237 -5.43 -12.06 -15.95
CA GLU A 237 -4.37 -12.39 -14.98
C GLU A 237 -4.55 -13.80 -14.43
N LEU A 238 -5.79 -14.26 -14.34
CA LEU A 238 -6.04 -15.62 -13.85
C LEU A 238 -5.45 -16.59 -14.87
N GLU A 239 -5.73 -16.34 -16.14
CA GLU A 239 -5.22 -17.20 -17.20
C GLU A 239 -3.69 -17.16 -17.26
N ASN A 240 -3.11 -15.98 -17.05
CA ASN A 240 -1.65 -15.85 -17.08
C ASN A 240 -1.00 -16.58 -15.91
N ALA A 241 -1.73 -16.70 -14.81
CA ALA A 241 -1.23 -17.36 -13.62
C ALA A 241 -1.37 -18.88 -13.69
N GLY A 242 -2.01 -19.37 -14.75
CA GLY A 242 -2.18 -20.81 -14.89
C GLY A 242 -3.54 -21.36 -14.54
N VAL A 243 -4.48 -20.48 -14.21
CA VAL A 243 -5.83 -20.92 -13.89
C VAL A 243 -6.60 -21.07 -15.21
N GLU A 244 -7.11 -22.26 -15.45
CA GLU A 244 -7.88 -22.51 -16.67
C GLU A 244 -9.29 -21.98 -16.49
N VAL A 245 -9.62 -20.91 -17.20
CA VAL A 245 -10.96 -20.32 -17.10
C VAL A 245 -11.86 -20.97 -18.14
N LEU A 246 -12.86 -21.71 -17.67
CA LEU A 246 -13.81 -22.40 -18.54
C LEU A 246 -15.03 -21.48 -18.69
N LYS A 247 -15.08 -20.79 -19.83
CA LYS A 247 -16.14 -19.83 -20.12
C LYS A 247 -17.44 -20.40 -20.66
N PHE A 248 -18.55 -19.72 -20.35
CA PHE A 248 -19.88 -20.13 -20.77
C PHE A 248 -20.11 -21.60 -20.45
N SER A 249 -19.71 -22.00 -19.25
CA SER A 249 -19.82 -23.39 -18.82
C SER A 249 -20.57 -23.58 -17.51
N GLN A 250 -21.30 -24.69 -17.41
CA GLN A 250 -22.09 -25.02 -16.23
C GLN A 250 -21.96 -26.51 -15.91
N VAL A 251 -22.06 -26.87 -14.64
CA VAL A 251 -21.96 -28.27 -14.24
C VAL A 251 -23.32 -28.92 -14.43
N LYS A 252 -23.33 -30.10 -15.02
CA LYS A 252 -24.56 -30.84 -15.27
C LYS A 252 -24.71 -32.00 -14.28
N GLU A 253 -23.59 -32.65 -13.97
CA GLU A 253 -23.60 -33.77 -13.04
C GLU A 253 -22.21 -34.04 -12.47
N VAL A 254 -22.17 -34.67 -11.31
CA VAL A 254 -20.91 -35.03 -10.64
C VAL A 254 -21.00 -36.49 -10.22
N LYS A 255 -19.95 -37.25 -10.48
CA LYS A 255 -19.93 -38.67 -10.13
C LYS A 255 -18.57 -39.12 -9.58
N LYS A 256 -18.61 -40.04 -8.62
CA LYS A 256 -17.39 -40.57 -8.02
C LYS A 256 -16.71 -41.57 -8.95
N THR A 257 -15.39 -41.48 -9.06
CA THR A 257 -14.62 -42.39 -9.91
C THR A 257 -13.54 -43.05 -9.07
N LEU A 258 -12.71 -43.86 -9.71
CA LEU A 258 -11.63 -44.55 -8.99
C LEU A 258 -10.54 -43.61 -8.48
N SER A 259 -10.32 -42.50 -9.20
CA SER A 259 -9.29 -41.55 -8.80
C SER A 259 -9.84 -40.35 -8.02
N GLY A 260 -11.14 -40.09 -8.15
CA GLY A 260 -11.73 -38.98 -7.45
C GLY A 260 -13.13 -38.67 -7.94
N LEU A 261 -13.30 -37.54 -8.61
CA LEU A 261 -14.61 -37.15 -9.13
C LEU A 261 -14.57 -36.84 -10.63
N GLU A 262 -15.69 -37.06 -11.29
CA GLU A 262 -15.80 -36.76 -12.71
C GLU A 262 -16.87 -35.67 -12.81
N VAL A 263 -16.51 -34.54 -13.40
CA VAL A 263 -17.44 -33.43 -13.55
C VAL A 263 -17.93 -33.29 -14.98
N SER A 264 -19.25 -33.45 -15.15
CA SER A 264 -19.87 -33.32 -16.47
C SER A 264 -20.21 -31.85 -16.66
N MET A 265 -19.66 -31.27 -17.72
CA MET A 265 -19.83 -29.85 -18.01
C MET A 265 -20.39 -29.58 -19.40
N VAL A 266 -21.27 -28.58 -19.50
CA VAL A 266 -21.84 -28.19 -20.78
C VAL A 266 -21.35 -26.78 -21.07
N THR A 267 -20.75 -26.60 -22.23
CA THR A 267 -20.24 -25.30 -22.64
C THR A 267 -21.09 -24.78 -23.80
N ALA A 268 -21.66 -23.59 -23.63
CA ALA A 268 -22.51 -23.00 -24.66
C ALA A 268 -22.06 -21.59 -25.01
N VAL A 269 -21.02 -21.51 -25.84
CA VAL A 269 -20.49 -20.22 -26.28
C VAL A 269 -21.40 -19.62 -27.34
N PRO A 270 -21.70 -18.32 -27.24
CA PRO A 270 -22.57 -17.67 -28.23
C PRO A 270 -21.97 -17.78 -29.63
N GLY A 271 -22.80 -18.10 -30.61
CA GLY A 271 -22.32 -18.24 -31.97
C GLY A 271 -21.81 -19.63 -32.27
N ARG A 272 -21.83 -20.50 -31.27
CA ARG A 272 -21.37 -21.87 -31.43
C ARG A 272 -22.45 -22.83 -30.94
N LEU A 273 -22.22 -24.13 -31.13
CA LEU A 273 -23.16 -25.13 -30.67
C LEU A 273 -22.74 -25.64 -29.30
N PRO A 274 -23.71 -26.07 -28.48
CA PRO A 274 -23.42 -26.59 -27.14
C PRO A 274 -22.54 -27.83 -27.22
N VAL A 275 -21.69 -28.03 -26.21
CA VAL A 275 -20.81 -29.18 -26.17
C VAL A 275 -20.64 -29.66 -24.74
N MET A 276 -20.67 -30.98 -24.57
CA MET A 276 -20.51 -31.57 -23.25
C MET A 276 -19.10 -32.09 -23.09
N THR A 277 -18.52 -31.82 -21.91
CA THR A 277 -17.16 -32.25 -21.61
C THR A 277 -17.12 -32.97 -20.27
N MET A 278 -16.30 -34.00 -20.20
CA MET A 278 -16.16 -34.80 -18.99
C MET A 278 -14.78 -34.49 -18.39
N ILE A 279 -14.75 -33.80 -17.26
CA ILE A 279 -13.48 -33.47 -16.60
C ILE A 279 -13.18 -34.58 -15.59
N PRO A 280 -12.15 -35.39 -15.87
CA PRO A 280 -11.78 -36.50 -14.97
C PRO A 280 -10.74 -36.15 -13.91
N ASP A 281 -10.50 -37.13 -13.04
CA ASP A 281 -9.51 -37.02 -11.97
C ASP A 281 -9.54 -35.76 -11.14
N VAL A 282 -10.74 -35.29 -10.79
CA VAL A 282 -10.85 -34.09 -9.97
C VAL A 282 -10.82 -34.48 -8.49
N ASP A 283 -9.95 -33.83 -7.72
CA ASP A 283 -9.82 -34.13 -6.29
C ASP A 283 -10.72 -33.22 -5.46
N CYS A 284 -10.89 -31.99 -5.91
CA CYS A 284 -11.71 -31.05 -5.17
C CYS A 284 -12.63 -30.23 -6.08
N LEU A 285 -13.94 -30.33 -5.82
CA LEU A 285 -14.94 -29.57 -6.56
C LEU A 285 -15.49 -28.57 -5.55
N LEU A 286 -15.21 -27.28 -5.76
CA LEU A 286 -15.65 -26.26 -4.83
C LEU A 286 -16.74 -25.35 -5.40
N TRP A 287 -17.89 -25.32 -4.74
CA TRP A 287 -18.99 -24.46 -5.19
C TRP A 287 -18.84 -23.09 -4.54
N ALA A 288 -18.77 -22.05 -5.37
CA ALA A 288 -18.66 -20.67 -4.90
C ALA A 288 -19.64 -19.88 -5.77
N ILE A 289 -20.92 -20.26 -5.67
CA ILE A 289 -21.98 -19.66 -6.47
C ILE A 289 -22.89 -18.67 -5.72
N GLY A 290 -22.50 -18.26 -4.53
CA GLY A 290 -23.32 -17.32 -3.79
C GLY A 290 -23.51 -17.68 -2.33
N ARG A 291 -24.16 -16.78 -1.59
CA ARG A 291 -24.43 -16.96 -0.17
C ARG A 291 -25.93 -16.87 0.07
N VAL A 292 -26.42 -17.61 1.07
CA VAL A 292 -27.83 -17.58 1.43
C VAL A 292 -27.91 -17.12 2.88
N PRO A 293 -28.88 -16.24 3.21
CA PRO A 293 -29.02 -15.75 4.58
C PRO A 293 -29.53 -16.80 5.57
N ASN A 294 -29.14 -16.65 6.84
CA ASN A 294 -29.57 -17.56 7.90
C ASN A 294 -30.81 -17.00 8.59
N THR A 295 -31.99 -17.27 8.02
CA THR A 295 -33.23 -16.77 8.59
C THR A 295 -34.31 -17.85 8.69
N LYS A 296 -34.11 -18.94 7.97
CA LYS A 296 -35.06 -20.05 7.94
C LYS A 296 -35.68 -20.48 9.27
N ASP A 297 -34.87 -20.62 10.31
CA ASP A 297 -35.39 -21.07 11.60
C ASP A 297 -35.44 -20.03 12.72
N LEU A 298 -35.77 -18.79 12.38
CA LEU A 298 -35.88 -17.73 13.37
C LEU A 298 -37.33 -17.50 13.76
N SER A 299 -38.23 -18.22 13.09
CA SER A 299 -39.66 -18.09 13.34
C SER A 299 -40.06 -16.63 13.13
N LEU A 300 -39.56 -16.05 12.03
CA LEU A 300 -39.84 -14.66 11.70
C LEU A 300 -41.34 -14.42 11.49
N ASN A 301 -42.05 -15.46 11.04
CA ASN A 301 -43.49 -15.35 10.80
C ASN A 301 -44.27 -15.08 12.08
N LYS A 302 -43.80 -15.59 13.20
CA LYS A 302 -44.48 -15.39 14.47
C LYS A 302 -44.64 -13.91 14.82
N LEU A 303 -43.86 -13.07 14.16
CA LEU A 303 -43.93 -11.63 14.41
C LEU A 303 -44.22 -10.87 13.12
N GLY A 304 -44.27 -11.60 12.01
CA GLY A 304 -44.54 -10.98 10.73
C GLY A 304 -43.35 -10.21 10.19
N ILE A 305 -42.14 -10.65 10.53
CA ILE A 305 -40.93 -10.00 10.05
C ILE A 305 -40.75 -10.26 8.56
N GLN A 306 -40.64 -9.17 7.81
CA GLN A 306 -40.52 -9.18 6.35
C GLN A 306 -39.17 -9.64 5.79
N THR A 307 -39.22 -10.43 4.72
CA THR A 307 -38.02 -10.94 4.05
C THR A 307 -38.31 -10.99 2.55
N ASP A 308 -37.28 -11.10 1.73
CA ASP A 308 -37.49 -11.21 0.28
C ASP A 308 -37.57 -12.69 -0.07
N ASP A 309 -37.70 -13.01 -1.35
CA ASP A 309 -37.81 -14.41 -1.76
C ASP A 309 -36.51 -15.20 -1.65
N LYS A 310 -35.48 -14.58 -1.08
CA LYS A 310 -34.19 -15.24 -0.90
C LYS A 310 -33.96 -15.52 0.58
N GLY A 311 -34.78 -14.90 1.42
CA GLY A 311 -34.66 -15.09 2.86
C GLY A 311 -33.99 -13.93 3.58
N HIS A 312 -33.60 -12.90 2.83
CA HIS A 312 -32.95 -11.74 3.44
C HIS A 312 -33.95 -10.93 4.25
N ILE A 313 -33.52 -10.43 5.40
CA ILE A 313 -34.40 -9.60 6.21
C ILE A 313 -34.45 -8.20 5.62
N ILE A 314 -35.65 -7.69 5.43
CA ILE A 314 -35.83 -6.36 4.85
C ILE A 314 -35.67 -5.30 5.93
N VAL A 315 -34.91 -4.25 5.63
CA VAL A 315 -34.70 -3.16 6.59
C VAL A 315 -34.72 -1.80 5.90
N ASP A 316 -34.88 -0.74 6.68
CA ASP A 316 -34.86 0.61 6.11
C ASP A 316 -33.43 1.16 6.29
N GLU A 317 -33.22 2.44 5.99
CA GLU A 317 -31.88 3.03 6.11
C GLU A 317 -31.31 3.06 7.51
N PHE A 318 -32.17 2.87 8.51
CA PHE A 318 -31.74 2.87 9.91
C PHE A 318 -31.67 1.45 10.47
N GLN A 319 -31.69 0.46 9.57
CA GLN A 319 -31.64 -0.96 9.90
C GLN A 319 -32.88 -1.46 10.64
N ASN A 320 -33.97 -0.72 10.54
CA ASN A 320 -35.22 -1.14 11.18
C ASN A 320 -35.90 -2.19 10.32
N THR A 321 -36.45 -3.23 10.94
CA THR A 321 -37.19 -4.24 10.20
C THR A 321 -38.58 -3.62 10.12
N ASN A 322 -39.58 -4.37 9.66
CA ASN A 322 -40.93 -3.83 9.57
C ASN A 322 -41.67 -3.94 10.91
N VAL A 323 -40.95 -4.37 11.94
CA VAL A 323 -41.52 -4.52 13.28
C VAL A 323 -40.80 -3.67 14.30
N LYS A 324 -41.55 -2.84 15.03
CA LYS A 324 -40.97 -1.97 16.04
C LYS A 324 -40.16 -2.75 17.07
N GLY A 325 -38.99 -2.22 17.40
CA GLY A 325 -38.13 -2.86 18.39
C GLY A 325 -37.25 -3.98 17.85
N ILE A 326 -37.34 -4.25 16.55
CA ILE A 326 -36.53 -5.31 15.95
C ILE A 326 -35.73 -4.78 14.78
N TYR A 327 -34.43 -5.08 14.77
CA TYR A 327 -33.55 -4.60 13.72
C TYR A 327 -32.72 -5.72 13.10
N ALA A 328 -31.98 -5.39 12.04
CA ALA A 328 -31.13 -6.38 11.39
C ALA A 328 -29.96 -5.68 10.70
N VAL A 329 -28.78 -6.30 10.78
CA VAL A 329 -27.58 -5.77 10.13
C VAL A 329 -26.73 -6.93 9.61
N GLY A 330 -25.75 -6.61 8.77
CA GLY A 330 -24.87 -7.63 8.25
C GLY A 330 -25.33 -8.43 7.04
N ASP A 331 -24.67 -9.56 6.82
CA ASP A 331 -24.97 -10.46 5.69
C ASP A 331 -26.42 -10.89 5.59
N VAL A 332 -27.11 -10.96 6.73
CA VAL A 332 -28.50 -11.40 6.73
C VAL A 332 -29.42 -10.51 5.90
N CYS A 333 -29.01 -9.25 5.69
CA CYS A 333 -29.80 -8.30 4.91
C CYS A 333 -29.44 -8.33 3.42
N GLY A 334 -28.36 -9.03 3.08
CA GLY A 334 -27.96 -9.14 1.68
C GLY A 334 -27.35 -7.96 0.96
N LYS A 335 -26.96 -6.91 1.70
CA LYS A 335 -26.38 -5.74 1.07
C LYS A 335 -24.95 -5.45 1.58
N ALA A 336 -24.01 -5.32 0.65
CA ALA A 336 -22.61 -5.03 0.98
C ALA A 336 -22.11 -6.04 2.01
N LEU A 337 -21.92 -7.27 1.57
CA LEU A 337 -21.48 -8.36 2.43
C LEU A 337 -19.99 -8.30 2.77
N LEU A 338 -19.65 -7.40 3.69
CA LEU A 338 -18.27 -7.21 4.13
C LEU A 338 -18.27 -7.06 5.64
N THR A 339 -17.17 -7.45 6.27
CA THR A 339 -17.07 -7.35 7.72
C THR A 339 -17.15 -5.92 8.27
N PRO A 340 -16.37 -4.98 7.71
CA PRO A 340 -16.41 -3.58 8.18
C PRO A 340 -17.78 -2.92 8.04
N VAL A 341 -18.55 -3.40 7.09
CA VAL A 341 -19.90 -2.86 6.87
C VAL A 341 -20.82 -3.32 7.99
N ALA A 342 -20.77 -4.62 8.30
CA ALA A 342 -21.59 -5.17 9.37
C ALA A 342 -21.23 -4.45 10.67
N ILE A 343 -19.93 -4.25 10.90
CA ILE A 343 -19.45 -3.57 12.10
C ILE A 343 -19.95 -2.13 12.18
N ALA A 344 -19.78 -1.38 11.11
CA ALA A 344 -20.20 0.01 11.10
C ALA A 344 -21.71 0.16 11.28
N ALA A 345 -22.48 -0.70 10.60
CA ALA A 345 -23.94 -0.65 10.71
C ALA A 345 -24.35 -0.93 12.15
N GLY A 346 -23.69 -1.92 12.76
CA GLY A 346 -23.99 -2.28 14.13
C GLY A 346 -23.68 -1.16 15.11
N ARG A 347 -22.53 -0.52 14.95
CA ARG A 347 -22.17 0.56 15.86
C ARG A 347 -23.05 1.78 15.68
N LYS A 348 -23.35 2.14 14.43
CA LYS A 348 -24.21 3.29 14.18
C LYS A 348 -25.57 3.08 14.83
N LEU A 349 -26.04 1.84 14.81
CA LEU A 349 -27.33 1.50 15.40
C LEU A 349 -27.29 1.67 16.91
N ALA A 350 -26.19 1.23 17.52
CA ALA A 350 -26.04 1.34 18.97
C ALA A 350 -26.13 2.80 19.39
N HIS A 351 -25.47 3.69 18.66
CA HIS A 351 -25.52 5.10 19.00
C HIS A 351 -26.93 5.68 18.85
N ARG A 352 -27.66 5.20 17.84
CA ARG A 352 -29.03 5.67 17.62
C ARG A 352 -29.96 5.23 18.74
N LEU A 353 -29.83 3.97 19.15
CA LEU A 353 -30.69 3.43 20.19
C LEU A 353 -30.33 3.78 21.63
N PHE A 354 -29.04 3.87 21.92
CA PHE A 354 -28.61 4.12 23.29
C PHE A 354 -27.94 5.45 23.59
N GLU A 355 -27.79 6.28 22.56
CA GLU A 355 -27.21 7.60 22.74
C GLU A 355 -28.24 8.57 22.16
N TYR A 356 -29.33 7.99 21.68
CA TYR A 356 -30.46 8.74 21.13
C TYR A 356 -30.13 9.67 19.98
N LYS A 357 -29.19 9.24 19.13
CA LYS A 357 -28.78 10.03 17.97
C LYS A 357 -29.68 9.54 16.83
N GLU A 358 -30.81 10.22 16.64
CA GLU A 358 -31.76 9.86 15.60
C GLU A 358 -31.22 9.84 14.18
N ASP A 359 -30.14 10.58 13.93
CA ASP A 359 -29.56 10.65 12.59
C ASP A 359 -28.44 9.65 12.36
N SER A 360 -28.13 8.85 13.38
CA SER A 360 -27.06 7.88 13.29
C SER A 360 -27.41 6.66 12.42
N LYS A 361 -26.69 6.52 11.31
CA LYS A 361 -26.89 5.42 10.39
C LYS A 361 -25.66 5.29 9.51
N LEU A 362 -25.52 4.17 8.82
CA LEU A 362 -24.37 3.95 7.95
C LEU A 362 -24.65 4.44 6.53
N ASP A 363 -23.68 5.15 5.96
CA ASP A 363 -23.78 5.65 4.58
C ASP A 363 -23.20 4.51 3.75
N TYR A 364 -24.02 3.91 2.90
CA TYR A 364 -23.57 2.79 2.08
C TYR A 364 -22.92 3.20 0.78
N ASN A 365 -22.80 4.50 0.55
CA ASN A 365 -22.17 5.01 -0.67
C ASN A 365 -20.66 5.04 -0.43
N ASN A 366 -19.90 4.82 -1.49
CA ASN A 366 -18.45 4.87 -1.39
C ASN A 366 -17.78 3.94 -0.40
N ILE A 367 -18.29 2.72 -0.28
CA ILE A 367 -17.68 1.72 0.60
C ILE A 367 -16.58 1.07 -0.23
N PRO A 368 -15.33 1.08 0.26
CA PRO A 368 -14.23 0.47 -0.50
C PRO A 368 -14.15 -1.03 -0.29
N THR A 369 -13.63 -1.74 -1.29
CA THR A 369 -13.46 -3.18 -1.17
C THR A 369 -12.20 -3.65 -1.88
N VAL A 370 -11.56 -4.66 -1.32
CA VAL A 370 -10.36 -5.22 -1.93
C VAL A 370 -10.65 -6.69 -2.19
N VAL A 371 -10.24 -7.18 -3.35
CA VAL A 371 -10.39 -8.60 -3.70
C VAL A 371 -8.97 -9.13 -3.68
N PHE A 372 -8.73 -10.16 -2.89
CA PHE A 372 -7.39 -10.71 -2.79
C PHE A 372 -7.07 -11.71 -3.88
N SER A 373 -7.01 -11.18 -5.10
CA SER A 373 -6.65 -11.94 -6.28
C SER A 373 -5.14 -11.80 -6.46
N HIS A 374 -4.63 -12.21 -7.61
CA HIS A 374 -3.19 -12.10 -7.86
C HIS A 374 -2.94 -11.43 -9.21
N PRO A 375 -2.58 -10.14 -9.21
CA PRO A 375 -2.39 -9.24 -8.07
C PRO A 375 -3.73 -8.82 -7.47
N PRO A 376 -3.71 -8.17 -6.29
CA PRO A 376 -4.97 -7.74 -5.67
C PRO A 376 -5.69 -6.58 -6.37
N ILE A 377 -6.99 -6.52 -6.14
CA ILE A 377 -7.89 -5.51 -6.70
C ILE A 377 -8.42 -4.57 -5.61
N GLY A 378 -8.51 -3.29 -5.96
CA GLY A 378 -9.02 -2.28 -5.04
C GLY A 378 -10.04 -1.45 -5.80
N THR A 379 -11.21 -1.22 -5.20
CA THR A 379 -12.23 -0.41 -5.88
C THR A 379 -13.09 0.35 -4.89
N VAL A 380 -13.49 1.55 -5.28
CA VAL A 380 -14.37 2.36 -4.44
C VAL A 380 -15.17 3.27 -5.37
N GLY A 381 -16.44 3.46 -5.05
CA GLY A 381 -17.27 4.32 -5.88
C GLY A 381 -17.92 3.63 -7.06
N LEU A 382 -18.33 4.44 -8.03
CA LEU A 382 -19.01 3.94 -9.21
C LEU A 382 -18.14 3.43 -10.35
N THR A 383 -18.63 2.42 -11.05
CA THR A 383 -17.93 1.88 -12.21
C THR A 383 -18.20 2.92 -13.30
N GLU A 384 -17.47 2.85 -14.41
CA GLU A 384 -17.66 3.81 -15.48
C GLU A 384 -19.10 3.79 -15.99
N ASP A 385 -19.66 2.59 -16.13
CA ASP A 385 -21.03 2.46 -16.61
C ASP A 385 -22.05 3.04 -15.64
N GLU A 386 -21.84 2.81 -14.35
CA GLU A 386 -22.76 3.33 -13.35
C GLU A 386 -22.72 4.86 -13.34
N ALA A 387 -21.53 5.42 -13.52
CA ALA A 387 -21.37 6.86 -13.54
C ALA A 387 -22.10 7.44 -14.75
N ILE A 388 -21.93 6.79 -15.90
CA ILE A 388 -22.58 7.23 -17.14
C ILE A 388 -24.10 7.28 -16.96
N HIS A 389 -24.65 6.25 -16.33
CA HIS A 389 -26.09 6.17 -16.10
C HIS A 389 -26.60 7.26 -15.15
N LYS A 390 -25.80 7.59 -14.14
CA LYS A 390 -26.20 8.60 -13.16
C LYS A 390 -26.00 10.05 -13.58
N TYR A 391 -24.90 10.34 -14.28
CA TYR A 391 -24.61 11.70 -14.70
C TYR A 391 -24.79 11.97 -16.18
N GLY A 392 -24.94 10.90 -16.97
CA GLY A 392 -25.10 11.06 -18.40
C GLY A 392 -23.74 10.96 -19.06
N ILE A 393 -23.64 10.12 -20.09
CA ILE A 393 -22.39 9.91 -20.79
C ILE A 393 -21.69 11.23 -21.16
N GLU A 394 -22.51 12.26 -21.38
CA GLU A 394 -22.01 13.58 -21.74
C GLU A 394 -21.28 14.27 -20.59
N ASN A 395 -21.49 13.78 -19.38
CA ASN A 395 -20.88 14.39 -18.19
C ASN A 395 -19.89 13.50 -17.44
N VAL A 396 -19.44 12.44 -18.10
CA VAL A 396 -18.47 11.53 -17.48
C VAL A 396 -17.15 11.51 -18.24
N LYS A 397 -16.05 11.60 -17.50
CA LYS A 397 -14.73 11.59 -18.09
C LYS A 397 -13.87 10.61 -17.30
N THR A 398 -13.24 9.67 -17.98
CA THR A 398 -12.39 8.70 -17.30
C THR A 398 -10.93 8.79 -17.70
N TYR A 399 -10.06 8.57 -16.73
CA TYR A 399 -8.63 8.59 -16.93
C TYR A 399 -8.16 7.20 -16.54
N SER A 400 -7.21 6.65 -17.28
CA SER A 400 -6.70 5.32 -16.97
C SER A 400 -5.28 5.11 -17.46
N THR A 401 -4.60 4.12 -16.87
CA THR A 401 -3.24 3.82 -17.26
C THR A 401 -2.93 2.36 -16.98
N SER A 402 -1.92 1.83 -17.66
CA SER A 402 -1.51 0.45 -17.45
C SER A 402 0.02 0.45 -17.51
N PHE A 403 0.64 -0.30 -16.62
CA PHE A 403 2.10 -0.38 -16.61
C PHE A 403 2.55 -1.63 -15.90
N THR A 404 3.84 -1.93 -16.01
CA THR A 404 4.42 -3.10 -15.36
C THR A 404 5.19 -2.55 -14.14
N PRO A 405 4.79 -2.95 -12.94
CA PRO A 405 5.48 -2.45 -11.75
C PRO A 405 6.98 -2.70 -11.78
N MET A 406 7.73 -1.76 -11.22
CA MET A 406 9.18 -1.82 -11.15
C MET A 406 9.72 -3.11 -10.53
N TYR A 407 8.93 -3.73 -9.67
CA TYR A 407 9.34 -4.98 -9.02
C TYR A 407 9.70 -6.04 -10.08
N HIS A 408 9.00 -6.01 -11.20
CA HIS A 408 9.23 -6.96 -12.27
C HIS A 408 10.33 -6.56 -13.24
N ALA A 409 11.05 -5.49 -12.93
CA ALA A 409 12.11 -5.04 -13.81
C ALA A 409 13.17 -6.11 -14.03
N VAL A 410 13.38 -6.95 -13.03
CA VAL A 410 14.38 -8.01 -13.12
C VAL A 410 13.84 -9.44 -13.09
N THR A 411 12.53 -9.59 -13.19
CA THR A 411 11.94 -10.93 -13.15
C THR A 411 11.42 -11.36 -14.53
N LYS A 412 11.38 -12.67 -14.77
CA LYS A 412 10.88 -13.20 -16.03
C LYS A 412 9.37 -13.20 -15.98
N ARG A 413 8.84 -13.49 -14.78
CA ARG A 413 7.41 -13.52 -14.54
C ARG A 413 6.93 -12.06 -14.48
N LYS A 414 5.75 -11.78 -15.02
CA LYS A 414 5.23 -10.41 -15.02
C LYS A 414 3.76 -10.34 -14.63
N THR A 415 3.37 -9.20 -14.08
CA THR A 415 1.97 -8.93 -13.75
C THR A 415 1.86 -7.46 -14.12
N LYS A 416 0.66 -7.00 -14.44
CA LYS A 416 0.54 -5.59 -14.78
C LYS A 416 -0.28 -4.86 -13.74
N CYS A 417 -0.27 -3.55 -13.84
CA CYS A 417 -1.06 -2.73 -12.94
C CYS A 417 -1.94 -1.84 -13.82
N VAL A 418 -3.23 -1.88 -13.58
CA VAL A 418 -4.18 -1.04 -14.32
C VAL A 418 -4.91 -0.19 -13.29
N MET A 419 -5.12 1.08 -13.63
CA MET A 419 -5.82 1.99 -12.74
C MET A 419 -6.80 2.82 -13.56
N LYS A 420 -7.96 3.09 -12.98
CA LYS A 420 -8.99 3.88 -13.65
C LYS A 420 -9.62 4.86 -12.68
N MET A 421 -9.73 6.11 -13.11
CA MET A 421 -10.35 7.16 -12.32
C MET A 421 -11.58 7.65 -13.09
N VAL A 422 -12.73 7.59 -12.44
CA VAL A 422 -13.98 8.03 -13.07
C VAL A 422 -14.38 9.39 -12.51
N CYS A 423 -14.46 10.39 -13.36
CA CYS A 423 -14.81 11.75 -12.94
C CYS A 423 -16.16 12.19 -13.48
N ALA A 424 -16.84 13.04 -12.72
CA ALA A 424 -18.15 13.54 -13.13
C ALA A 424 -18.23 15.05 -13.12
N ASN A 425 -19.07 15.58 -14.01
CA ASN A 425 -19.30 17.01 -14.14
C ASN A 425 -18.09 17.88 -14.44
N LYS A 426 -18.35 19.18 -14.64
CA LYS A 426 -17.31 20.15 -14.97
C LYS A 426 -16.07 20.10 -14.08
N GLU A 427 -16.26 20.09 -12.77
CA GLU A 427 -15.14 20.06 -11.84
C GLU A 427 -14.42 18.71 -11.74
N GLU A 428 -14.87 17.75 -12.56
CA GLU A 428 -14.28 16.41 -12.58
C GLU A 428 -14.17 15.79 -11.20
N LYS A 429 -15.31 15.69 -10.52
CA LYS A 429 -15.36 15.08 -9.19
C LYS A 429 -15.02 13.60 -9.33
N VAL A 430 -14.15 13.10 -8.46
CA VAL A 430 -13.78 11.69 -8.52
C VAL A 430 -14.89 10.85 -7.91
N VAL A 431 -15.63 10.13 -8.74
CA VAL A 431 -16.73 9.31 -8.26
C VAL A 431 -16.43 7.82 -8.25
N GLY A 432 -15.25 7.47 -8.77
CA GLY A 432 -14.85 6.07 -8.78
C GLY A 432 -13.37 5.87 -9.00
N ILE A 433 -12.80 4.89 -8.29
CA ILE A 433 -11.38 4.55 -8.43
C ILE A 433 -11.33 3.01 -8.51
N HIS A 434 -10.69 2.49 -9.55
CA HIS A 434 -10.61 1.05 -9.78
C HIS A 434 -9.19 0.64 -10.17
N MET A 435 -8.66 -0.41 -9.55
CA MET A 435 -7.32 -0.81 -9.90
C MET A 435 -6.98 -2.24 -9.53
N GLN A 436 -5.97 -2.79 -10.18
CA GLN A 436 -5.48 -4.13 -9.89
C GLN A 436 -3.97 -4.10 -10.11
N GLY A 437 -3.23 -4.64 -9.16
CA GLY A 437 -1.78 -4.64 -9.27
C GLY A 437 -1.11 -4.81 -7.92
N LEU A 438 0.21 -5.00 -7.94
CA LEU A 438 0.98 -5.17 -6.71
C LEU A 438 0.77 -3.99 -5.77
N GLY A 439 0.48 -4.29 -4.51
CA GLY A 439 0.30 -3.24 -3.51
C GLY A 439 -1.05 -2.58 -3.46
N CYS A 440 -1.94 -2.90 -4.41
CA CYS A 440 -3.24 -2.25 -4.43
C CYS A 440 -4.08 -2.54 -3.20
N ASP A 441 -3.77 -3.62 -2.49
CA ASP A 441 -4.51 -3.98 -1.29
C ASP A 441 -4.33 -2.97 -0.15
N GLU A 442 -3.12 -2.41 -0.02
CA GLU A 442 -2.86 -1.41 1.03
C GLU A 442 -2.93 0.02 0.52
N MET A 443 -3.09 0.18 -0.79
CA MET A 443 -3.10 1.49 -1.43
C MET A 443 -4.45 2.21 -1.43
N LEU A 444 -5.52 1.42 -1.41
CA LEU A 444 -6.88 1.93 -1.49
C LEU A 444 -7.46 2.76 -0.35
N GLN A 445 -7.25 2.33 0.89
CA GLN A 445 -7.84 3.04 2.03
C GLN A 445 -7.74 4.57 2.03
N GLY A 446 -6.55 5.10 1.77
CA GLY A 446 -6.38 6.54 1.77
C GLY A 446 -7.14 7.23 0.65
N PHE A 447 -7.17 6.61 -0.52
CA PHE A 447 -7.89 7.19 -1.65
C PHE A 447 -9.38 7.13 -1.38
N ALA A 448 -9.82 6.14 -0.62
CA ALA A 448 -11.24 6.01 -0.27
C ALA A 448 -11.66 7.19 0.60
N VAL A 449 -10.79 7.62 1.51
CA VAL A 449 -11.09 8.77 2.37
C VAL A 449 -11.27 10.02 1.50
N ALA A 450 -10.40 10.18 0.51
CA ALA A 450 -10.46 11.33 -0.38
C ALA A 450 -11.75 11.33 -1.19
N VAL A 451 -12.14 10.16 -1.69
CA VAL A 451 -13.38 10.06 -2.47
C VAL A 451 -14.59 10.38 -1.60
N LYS A 452 -14.58 9.88 -0.37
CA LYS A 452 -15.68 10.13 0.55
C LYS A 452 -15.78 11.64 0.84
N MET A 453 -14.64 12.33 0.75
CA MET A 453 -14.61 13.77 0.99
C MET A 453 -15.07 14.56 -0.23
N GLY A 454 -15.25 13.88 -1.35
CA GLY A 454 -15.69 14.55 -2.56
C GLY A 454 -14.56 15.18 -3.35
N ALA A 455 -13.39 14.55 -3.31
CA ALA A 455 -12.23 15.06 -4.03
C ALA A 455 -12.47 15.16 -5.53
N THR A 456 -11.80 16.12 -6.16
CA THR A 456 -11.90 16.32 -7.60
C THR A 456 -10.53 15.89 -8.14
N LYS A 457 -10.39 15.76 -9.45
CA LYS A 457 -9.11 15.36 -9.98
C LYS A 457 -8.04 16.39 -9.62
N ALA A 458 -8.44 17.65 -9.49
CA ALA A 458 -7.51 18.70 -9.13
C ALA A 458 -6.88 18.41 -7.77
N ASP A 459 -7.69 17.92 -6.83
CA ASP A 459 -7.20 17.58 -5.51
C ASP A 459 -6.11 16.50 -5.60
N PHE A 460 -6.31 15.54 -6.49
CA PHE A 460 -5.33 14.46 -6.68
C PHE A 460 -4.06 15.01 -7.30
N ASP A 461 -4.21 15.73 -8.41
CA ASP A 461 -3.07 16.28 -9.12
C ASP A 461 -2.27 17.28 -8.30
N ASN A 462 -2.92 17.97 -7.37
CA ASN A 462 -2.20 18.94 -6.53
C ASN A 462 -1.50 18.30 -5.35
N THR A 463 -1.52 16.97 -5.28
CA THR A 463 -0.84 16.25 -4.21
C THR A 463 0.45 15.72 -4.81
N VAL A 464 1.58 16.09 -4.21
CA VAL A 464 2.86 15.66 -4.73
C VAL A 464 2.99 14.13 -4.65
N ALA A 465 3.54 13.57 -5.72
CA ALA A 465 3.74 12.14 -5.83
C ALA A 465 4.85 11.61 -4.94
N ILE A 466 4.76 10.32 -4.61
CA ILE A 466 5.78 9.63 -3.82
C ILE A 466 6.48 8.71 -4.82
N HIS A 467 7.77 8.93 -5.03
CA HIS A 467 8.58 8.19 -6.01
C HIS A 467 9.72 7.39 -5.35
N PRO A 468 9.96 6.15 -5.81
CA PRO A 468 9.23 5.47 -6.88
C PRO A 468 8.25 4.48 -6.24
N THR A 469 6.96 4.61 -6.59
CA THR A 469 5.94 3.71 -6.08
C THR A 469 4.91 3.50 -7.18
N SER A 470 3.99 2.57 -6.98
CA SER A 470 2.93 2.38 -7.96
C SER A 470 1.84 3.40 -7.63
N SER A 471 1.68 3.70 -6.35
CA SER A 471 0.65 4.63 -5.89
C SER A 471 0.70 6.02 -6.52
N GLU A 472 1.90 6.48 -6.86
CA GLU A 472 2.04 7.82 -7.46
C GLU A 472 1.34 7.93 -8.81
N GLU A 473 1.10 6.82 -9.48
CA GLU A 473 0.43 6.88 -10.78
C GLU A 473 -0.99 7.45 -10.69
N LEU A 474 -1.61 7.30 -9.52
CA LEU A 474 -2.97 7.81 -9.35
C LEU A 474 -3.04 9.34 -9.21
N VAL A 475 -1.92 9.98 -8.87
CA VAL A 475 -1.94 11.45 -8.76
C VAL A 475 -1.21 12.11 -9.93
N THR A 476 -0.87 11.30 -10.94
CA THR A 476 -0.19 11.83 -12.13
C THR A 476 -0.85 11.31 -13.40
N LEU A 477 -2.16 11.05 -13.33
CA LEU A 477 -2.91 10.55 -14.48
C LEU A 477 -3.06 11.61 -15.54
N ARG A 478 -2.77 11.21 -16.78
CA ARG A 478 -2.87 12.11 -17.93
C ARG A 478 -4.16 11.79 -18.68
N VAL B 18 26.99 34.11 -31.10
CA VAL B 18 26.87 33.15 -29.97
C VAL B 18 25.54 32.41 -30.02
N ALA B 19 25.57 31.12 -29.66
CA ALA B 19 24.36 30.30 -29.67
C ALA B 19 23.32 30.90 -28.74
N SER B 20 22.09 31.03 -29.23
CA SER B 20 21.00 31.59 -28.44
C SER B 20 19.75 30.71 -28.51
N TYR B 21 19.06 30.59 -27.38
CA TYR B 21 17.85 29.80 -27.31
C TYR B 21 16.79 30.59 -26.56
N ASP B 22 15.59 30.03 -26.47
CA ASP B 22 14.50 30.71 -25.77
C ASP B 22 14.47 30.29 -24.31
N TYR B 23 15.14 29.19 -23.99
CA TYR B 23 15.19 28.69 -22.63
C TYR B 23 16.43 27.82 -22.45
N LEU B 24 17.35 28.27 -21.60
CA LEU B 24 18.58 27.55 -21.35
C LEU B 24 18.50 26.86 -19.97
N VAL B 25 18.81 25.57 -19.95
CA VAL B 25 18.75 24.80 -18.71
C VAL B 25 20.09 24.13 -18.38
N ILE B 26 20.65 24.47 -17.22
CA ILE B 26 21.92 23.92 -16.78
C ILE B 26 21.66 22.72 -15.87
N GLY B 27 21.93 21.52 -16.38
CA GLY B 27 21.71 20.31 -15.60
C GLY B 27 20.70 19.39 -16.26
N GLY B 28 21.10 18.14 -16.52
CA GLY B 28 20.21 17.20 -17.17
C GLY B 28 19.56 16.21 -16.21
N GLY B 29 19.13 16.71 -15.05
CA GLY B 29 18.49 15.84 -14.06
C GLY B 29 16.98 15.96 -14.04
N SER B 30 16.36 15.53 -12.95
CA SER B 30 14.90 15.57 -12.82
C SER B 30 14.27 16.95 -12.99
N GLY B 31 14.86 17.95 -12.33
CA GLY B 31 14.32 19.28 -12.43
C GLY B 31 14.63 19.91 -13.78
N GLY B 32 15.84 19.69 -14.27
CA GLY B 32 16.24 20.26 -15.55
C GLY B 32 15.45 19.73 -16.74
N LEU B 33 15.45 18.42 -16.90
CA LEU B 33 14.74 17.78 -18.01
C LEU B 33 13.24 18.02 -17.93
N ALA B 34 12.68 17.94 -16.73
CA ALA B 34 11.24 18.16 -16.55
C ALA B 34 10.79 19.53 -17.04
N SER B 35 11.51 20.57 -16.64
CA SER B 35 11.16 21.93 -17.04
C SER B 35 11.41 22.15 -18.54
N ALA B 36 12.57 21.70 -19.01
CA ALA B 36 12.92 21.86 -20.42
C ALA B 36 11.99 21.07 -21.33
N ARG B 37 11.71 19.83 -20.96
CA ARG B 37 10.82 18.98 -21.77
C ARG B 37 9.46 19.64 -21.94
N ARG B 38 8.89 20.15 -20.85
CA ARG B 38 7.59 20.80 -20.95
C ARG B 38 7.72 22.13 -21.66
N ALA B 39 8.87 22.78 -21.50
CA ALA B 39 9.10 24.06 -22.16
C ALA B 39 8.90 23.82 -23.64
N ALA B 40 9.55 22.78 -24.15
CA ALA B 40 9.45 22.42 -25.56
C ALA B 40 7.99 22.14 -25.93
N GLU B 41 7.27 21.51 -25.02
CA GLU B 41 5.87 21.17 -25.23
C GLU B 41 5.02 22.43 -25.41
N LEU B 42 5.29 23.43 -24.58
CA LEU B 42 4.56 24.69 -24.64
C LEU B 42 4.95 25.52 -25.86
N GLY B 43 5.76 24.94 -26.74
CA GLY B 43 6.17 25.65 -27.93
C GLY B 43 7.39 26.50 -27.69
N ALA B 44 8.10 26.22 -26.60
CA ALA B 44 9.30 26.97 -26.26
C ALA B 44 10.50 26.37 -26.98
N ARG B 45 11.59 27.13 -27.02
CA ARG B 45 12.80 26.70 -27.70
C ARG B 45 13.93 26.59 -26.69
N ALA B 46 14.02 25.43 -26.02
CA ALA B 46 15.02 25.21 -24.99
C ALA B 46 16.16 24.24 -25.32
N ALA B 47 17.18 24.27 -24.47
CA ALA B 47 18.35 23.41 -24.60
C ALA B 47 18.84 23.06 -23.19
N VAL B 48 19.51 21.93 -23.05
CA VAL B 48 20.00 21.52 -21.74
C VAL B 48 21.48 21.13 -21.75
N VAL B 49 22.21 21.58 -20.74
CA VAL B 49 23.63 21.28 -20.63
C VAL B 49 23.87 20.21 -19.57
N GLU B 50 24.58 19.15 -19.96
CA GLU B 50 24.89 18.05 -19.05
C GLU B 50 26.37 17.70 -19.14
N SER B 51 27.03 17.70 -17.99
CA SER B 51 28.46 17.38 -17.94
C SER B 51 28.70 15.88 -17.74
N HIS B 52 27.67 15.18 -17.27
CA HIS B 52 27.78 13.75 -17.03
C HIS B 52 26.70 12.96 -17.76
N LYS B 53 26.10 11.99 -17.07
CA LYS B 53 25.05 11.15 -17.65
C LYS B 53 23.67 11.81 -17.58
N LEU B 54 22.99 11.85 -18.71
CA LEU B 54 21.66 12.42 -18.80
C LEU B 54 20.74 11.66 -17.85
N GLY B 55 19.67 12.32 -17.40
CA GLY B 55 18.74 11.69 -16.48
C GLY B 55 18.90 12.30 -15.11
N GLY B 56 20.14 12.32 -14.63
CA GLY B 56 20.41 12.90 -13.31
C GLY B 56 20.62 11.87 -12.23
N THR B 57 20.45 12.31 -10.98
CA THR B 57 20.62 11.45 -9.83
C THR B 57 19.53 10.38 -9.74
N CYS B 58 18.30 10.75 -10.09
CA CYS B 58 17.14 9.85 -10.03
C CYS B 58 17.34 8.48 -10.69
N VAL B 59 17.80 8.48 -11.94
CA VAL B 59 17.99 7.21 -12.65
C VAL B 59 19.36 6.56 -12.53
N ASN B 60 20.41 7.37 -12.35
CA ASN B 60 21.76 6.82 -12.27
C ASN B 60 22.29 6.42 -10.91
N VAL B 61 22.08 7.26 -9.92
CA VAL B 61 22.60 6.97 -8.58
C VAL B 61 21.64 7.39 -7.48
N GLY B 62 20.34 7.19 -7.72
CA GLY B 62 19.36 7.56 -6.72
C GLY B 62 18.12 6.69 -6.73
N CYS B 63 16.97 7.35 -6.72
CA CYS B 63 15.64 6.74 -6.70
C CYS B 63 15.45 5.37 -7.32
N VAL B 64 15.55 5.30 -8.65
CA VAL B 64 15.35 4.04 -9.36
C VAL B 64 16.28 2.89 -8.99
N PRO B 65 17.60 3.06 -9.15
CA PRO B 65 18.47 1.93 -8.78
C PRO B 65 18.39 1.58 -7.30
N LYS B 66 18.11 2.57 -6.45
CA LYS B 66 17.98 2.32 -5.02
C LYS B 66 16.79 1.39 -4.78
N LYS B 67 15.67 1.68 -5.45
CA LYS B 67 14.44 0.89 -5.29
C LYS B 67 14.65 -0.54 -5.78
N VAL B 68 15.42 -0.72 -6.86
CA VAL B 68 15.67 -2.08 -7.33
C VAL B 68 16.45 -2.82 -6.25
N MET B 69 17.43 -2.16 -5.64
CA MET B 69 18.21 -2.82 -4.61
C MET B 69 17.36 -3.06 -3.36
N TRP B 70 16.43 -2.15 -3.07
CA TRP B 70 15.54 -2.32 -1.93
C TRP B 70 14.65 -3.53 -2.17
N ASN B 71 14.08 -3.64 -3.38
CA ASN B 71 13.25 -4.78 -3.72
C ASN B 71 14.03 -6.08 -3.53
N THR B 72 15.31 -6.06 -3.88
CA THR B 72 16.18 -7.23 -3.72
C THR B 72 16.34 -7.58 -2.25
N ALA B 73 16.56 -6.55 -1.43
CA ALA B 73 16.74 -6.72 0.00
C ALA B 73 15.44 -7.25 0.63
N VAL B 74 14.33 -6.66 0.22
CA VAL B 74 13.02 -7.08 0.73
C VAL B 74 12.79 -8.55 0.42
N HIS B 75 13.20 -8.95 -0.78
CA HIS B 75 13.04 -10.32 -1.22
C HIS B 75 13.76 -11.25 -0.25
N SER B 76 15.03 -10.95 0.02
CA SER B 76 15.86 -11.73 0.92
C SER B 76 15.25 -11.86 2.31
N GLU B 77 14.70 -10.76 2.81
CA GLU B 77 14.09 -10.74 4.13
C GLU B 77 12.86 -11.62 4.24
N PHE B 78 11.97 -11.53 3.26
CA PHE B 78 10.76 -12.34 3.28
C PHE B 78 11.11 -13.84 3.18
N MET B 79 12.12 -14.15 2.37
CA MET B 79 12.52 -15.53 2.18
C MET B 79 13.05 -16.22 3.45
N HIS B 80 13.35 -15.45 4.48
CA HIS B 80 13.82 -16.04 5.73
C HIS B 80 12.59 -16.67 6.41
N ASP B 81 11.40 -16.31 5.95
CA ASP B 81 10.14 -16.83 6.51
C ASP B 81 9.58 -17.96 5.65
N HIS B 82 10.32 -18.36 4.62
CA HIS B 82 9.84 -19.38 3.71
C HIS B 82 9.48 -20.71 4.35
N ALA B 83 10.30 -21.17 5.30
CA ALA B 83 10.01 -22.43 5.97
C ALA B 83 8.78 -22.29 6.88
N ASP B 84 8.64 -21.13 7.52
CA ASP B 84 7.50 -20.90 8.40
C ASP B 84 6.21 -20.95 7.61
N TYR B 85 6.28 -20.61 6.32
CA TYR B 85 5.09 -20.62 5.49
C TYR B 85 4.82 -21.96 4.81
N GLY B 86 5.49 -23.01 5.29
CA GLY B 86 5.26 -24.36 4.75
C GLY B 86 6.09 -24.87 3.60
N PHE B 87 7.11 -24.12 3.20
CA PHE B 87 7.96 -24.52 2.09
C PHE B 87 9.33 -24.97 2.59
N PRO B 88 10.04 -25.80 1.83
CA PRO B 88 11.36 -26.25 2.26
C PRO B 88 12.29 -25.04 2.37
N SER B 89 13.12 -25.01 3.42
CA SER B 89 14.04 -23.90 3.62
C SER B 89 14.82 -23.61 2.34
N CYS B 90 15.05 -22.33 2.06
CA CYS B 90 15.78 -21.93 0.87
C CYS B 90 17.10 -21.26 1.24
N GLU B 91 18.20 -21.73 0.64
CA GLU B 91 19.51 -21.15 0.93
C GLU B 91 19.55 -19.68 0.54
N GLY B 92 20.56 -18.95 1.01
CA GLY B 92 20.61 -17.54 0.69
C GLY B 92 21.94 -16.93 0.25
N LYS B 93 22.70 -17.64 -0.56
CA LYS B 93 23.97 -17.10 -1.04
C LYS B 93 23.67 -16.12 -2.18
N PHE B 94 23.53 -14.85 -1.82
CA PHE B 94 23.23 -13.80 -2.79
C PHE B 94 24.38 -13.56 -3.76
N ASN B 95 24.04 -13.30 -5.02
CA ASN B 95 25.03 -13.02 -6.05
C ASN B 95 24.83 -11.58 -6.52
N TRP B 96 25.58 -10.66 -5.90
CA TRP B 96 25.49 -9.25 -6.20
C TRP B 96 25.68 -8.90 -7.68
N ARG B 97 26.67 -9.53 -8.31
CA ARG B 97 26.95 -9.27 -9.72
C ARG B 97 25.72 -9.48 -10.61
N VAL B 98 24.93 -10.50 -10.31
CA VAL B 98 23.72 -10.80 -11.07
C VAL B 98 22.75 -9.62 -11.08
N ILE B 99 22.41 -9.12 -9.89
CA ILE B 99 21.49 -8.00 -9.79
C ILE B 99 22.08 -6.72 -10.34
N LYS B 100 23.38 -6.52 -10.13
CA LYS B 100 24.06 -5.34 -10.64
C LYS B 100 23.87 -5.24 -12.14
N GLU B 101 24.09 -6.35 -12.83
CA GLU B 101 23.95 -6.37 -14.28
C GLU B 101 22.52 -6.10 -14.75
N LYS B 102 21.55 -6.72 -14.09
CA LYS B 102 20.15 -6.52 -14.46
C LYS B 102 19.69 -5.10 -14.14
N ARG B 103 20.20 -4.57 -13.05
CA ARG B 103 19.84 -3.21 -12.65
C ARG B 103 20.35 -2.23 -13.70
N ASP B 104 21.60 -2.41 -14.12
CA ASP B 104 22.20 -1.53 -15.13
C ASP B 104 21.41 -1.62 -16.45
N ALA B 105 20.99 -2.83 -16.80
CA ALA B 105 20.23 -3.03 -18.04
C ALA B 105 18.89 -2.32 -17.96
N TYR B 106 18.24 -2.43 -16.80
CA TYR B 106 16.95 -1.79 -16.60
C TYR B 106 17.07 -0.27 -16.74
N VAL B 107 18.11 0.30 -16.14
CA VAL B 107 18.33 1.73 -16.22
C VAL B 107 18.58 2.13 -17.68
N SER B 108 19.27 1.26 -18.41
CA SER B 108 19.56 1.53 -19.82
C SER B 108 18.28 1.59 -20.64
N ARG B 109 17.36 0.67 -20.37
CA ARG B 109 16.09 0.65 -21.10
C ARG B 109 15.28 1.88 -20.77
N LEU B 110 15.41 2.37 -19.54
CA LEU B 110 14.68 3.56 -19.11
C LEU B 110 15.19 4.79 -19.86
N ASN B 111 16.51 4.97 -19.86
CA ASN B 111 17.13 6.11 -20.52
C ASN B 111 16.78 6.14 -22.00
N ALA B 112 16.73 4.97 -22.62
CA ALA B 112 16.40 4.86 -24.04
C ALA B 112 14.96 5.29 -24.29
N ILE B 113 14.03 4.72 -23.53
CA ILE B 113 12.62 5.06 -23.69
C ILE B 113 12.44 6.56 -23.52
N TYR B 114 13.08 7.11 -22.50
CA TYR B 114 12.98 8.54 -22.23
C TYR B 114 13.65 9.37 -23.33
N GLN B 115 14.83 8.91 -23.77
CA GLN B 115 15.59 9.59 -24.81
C GLN B 115 14.73 9.80 -26.05
N ASN B 116 13.82 8.85 -26.30
CA ASN B 116 12.93 8.92 -27.44
C ASN B 116 11.95 10.08 -27.27
N ASN B 117 11.58 10.37 -26.03
CA ASN B 117 10.64 11.45 -25.74
C ASN B 117 11.35 12.80 -25.75
N LEU B 118 12.65 12.78 -25.47
CA LEU B 118 13.45 13.99 -25.44
C LEU B 118 13.66 14.53 -26.85
N THR B 119 14.33 13.74 -27.68
CA THR B 119 14.60 14.12 -29.07
C THR B 119 13.30 14.47 -29.78
N LYS B 120 12.20 13.89 -29.31
CA LYS B 120 10.88 14.12 -29.90
C LYS B 120 10.45 15.57 -29.69
N SER B 121 10.65 16.08 -28.48
CA SER B 121 10.27 17.45 -28.16
C SER B 121 11.28 18.48 -28.66
N HIS B 122 12.30 18.01 -29.36
CA HIS B 122 13.32 18.89 -29.90
C HIS B 122 13.96 19.72 -28.80
N ILE B 123 15.02 19.18 -28.19
CA ILE B 123 15.75 19.86 -27.14
C ILE B 123 17.24 19.66 -27.35
N GLU B 124 17.96 20.75 -27.60
CA GLU B 124 19.39 20.68 -27.85
C GLU B 124 20.16 20.35 -26.58
N ILE B 125 20.92 19.26 -26.61
CA ILE B 125 21.71 18.81 -25.48
C ILE B 125 23.18 19.21 -25.63
N ILE B 126 23.66 20.06 -24.74
CA ILE B 126 25.04 20.52 -24.78
C ILE B 126 25.90 19.78 -23.75
N ARG B 127 26.85 18.99 -24.23
CA ARG B 127 27.73 18.23 -23.36
C ARG B 127 28.85 19.14 -22.83
N GLY B 128 29.25 18.91 -21.59
CA GLY B 128 30.32 19.71 -21.00
C GLY B 128 29.89 20.46 -19.76
N HIS B 129 30.88 20.87 -18.97
CA HIS B 129 30.64 21.62 -17.74
C HIS B 129 30.33 23.08 -18.06
N ALA B 130 29.18 23.55 -17.58
CA ALA B 130 28.76 24.92 -17.82
C ALA B 130 29.15 25.86 -16.68
N ALA B 131 29.40 27.12 -17.03
CA ALA B 131 29.78 28.14 -16.05
C ALA B 131 29.44 29.53 -16.58
N PHE B 132 28.93 30.40 -15.69
CA PHE B 132 28.55 31.75 -16.07
C PHE B 132 29.76 32.64 -16.39
N THR B 133 29.50 33.73 -17.11
CA THR B 133 30.53 34.68 -17.48
C THR B 133 30.03 36.07 -17.11
N SER B 134 30.81 37.11 -17.41
CA SER B 134 30.41 38.47 -17.11
C SER B 134 29.17 38.84 -17.93
N ASP B 135 29.37 39.63 -18.98
CA ASP B 135 28.29 40.05 -19.87
C ASP B 135 27.14 40.75 -19.14
N PRO B 136 26.78 41.96 -19.60
CA PRO B 136 25.69 42.74 -19.00
C PRO B 136 24.37 41.98 -19.02
N LYS B 137 24.37 40.83 -19.69
CA LYS B 137 23.18 40.01 -19.79
C LYS B 137 23.54 38.54 -19.52
N PRO B 138 22.60 37.79 -18.92
CA PRO B 138 22.79 36.37 -18.59
C PRO B 138 23.40 35.56 -19.73
N THR B 139 24.66 35.19 -19.57
CA THR B 139 25.38 34.42 -20.58
C THR B 139 26.22 33.32 -19.93
N ILE B 140 26.32 32.19 -20.60
CA ILE B 140 27.09 31.06 -20.08
C ILE B 140 28.03 30.50 -21.14
N GLU B 141 29.12 29.88 -20.69
CA GLU B 141 30.10 29.31 -21.60
C GLU B 141 30.34 27.83 -21.31
N VAL B 142 30.34 27.02 -22.36
CA VAL B 142 30.56 25.58 -22.23
C VAL B 142 31.63 25.13 -23.22
N SER B 143 32.79 24.76 -22.69
CA SER B 143 33.92 24.29 -23.50
C SER B 143 34.37 25.36 -24.50
N GLY B 144 34.33 26.62 -24.07
CA GLY B 144 34.76 27.71 -24.94
C GLY B 144 33.63 28.40 -25.67
N LYS B 145 32.63 27.64 -26.09
CA LYS B 145 31.49 28.19 -26.81
C LYS B 145 30.52 28.85 -25.83
N LYS B 146 30.01 30.02 -26.21
CA LYS B 146 29.08 30.75 -25.36
C LYS B 146 27.63 30.57 -25.81
N TYR B 147 26.74 30.41 -24.83
CA TYR B 147 25.32 30.24 -25.11
C TYR B 147 24.53 31.24 -24.28
N THR B 148 23.32 31.56 -24.72
CA THR B 148 22.49 32.52 -24.00
C THR B 148 21.00 32.33 -24.28
N ALA B 149 20.17 33.04 -23.51
CA ALA B 149 18.73 32.97 -23.64
C ALA B 149 18.10 33.96 -22.67
N PRO B 150 16.84 34.35 -22.89
CA PRO B 150 16.15 35.29 -22.01
C PRO B 150 15.81 34.68 -20.65
N HIS B 151 15.78 33.35 -20.60
CA HIS B 151 15.48 32.62 -19.37
C HIS B 151 16.47 31.49 -19.18
N ILE B 152 17.19 31.51 -18.07
CA ILE B 152 18.19 30.48 -17.78
C ILE B 152 17.85 29.76 -16.48
N LEU B 153 17.64 28.45 -16.56
CA LEU B 153 17.31 27.65 -15.39
C LEU B 153 18.52 26.92 -14.84
N ILE B 154 18.78 27.09 -13.54
CA ILE B 154 19.89 26.41 -12.91
C ILE B 154 19.30 25.23 -12.15
N ALA B 155 19.69 24.03 -12.54
CA ALA B 155 19.20 22.80 -11.91
C ALA B 155 20.35 21.79 -11.89
N THR B 156 21.46 22.20 -11.29
CA THR B 156 22.66 21.39 -11.20
C THR B 156 22.65 20.36 -10.09
N GLY B 157 21.55 20.31 -9.34
CA GLY B 157 21.44 19.35 -8.26
C GLY B 157 22.56 19.44 -7.22
N GLY B 158 22.90 18.30 -6.63
CA GLY B 158 23.94 18.27 -5.63
C GLY B 158 24.82 17.02 -5.72
N MET B 159 25.60 16.79 -4.67
CA MET B 159 26.49 15.63 -4.63
C MET B 159 26.73 15.21 -3.19
N PRO B 160 27.19 13.97 -2.97
CA PRO B 160 27.45 13.49 -1.61
C PRO B 160 28.59 14.24 -0.96
N SER B 161 28.45 14.54 0.33
CA SER B 161 29.47 15.25 1.08
C SER B 161 30.46 14.26 1.68
N THR B 162 31.75 14.57 1.59
CA THR B 162 32.80 13.72 2.15
C THR B 162 33.71 14.56 3.03
N PRO B 163 34.14 14.00 4.17
CA PRO B 163 35.03 14.77 5.06
C PRO B 163 36.35 15.11 4.38
N HIS B 164 36.92 16.26 4.73
CA HIS B 164 38.21 16.67 4.16
C HIS B 164 39.31 15.92 4.90
N GLU B 165 40.40 15.61 4.20
CA GLU B 165 41.53 14.91 4.78
C GLU B 165 42.09 15.66 5.99
N SER B 166 42.00 16.98 5.93
CA SER B 166 42.48 17.83 7.02
C SER B 166 41.68 17.62 8.29
N GLN B 167 40.42 17.20 8.11
CA GLN B 167 39.51 16.95 9.23
C GLN B 167 39.60 15.50 9.70
N ILE B 168 39.52 14.57 8.75
CA ILE B 168 39.58 13.14 9.05
C ILE B 168 40.58 12.47 8.11
N PRO B 169 41.81 12.26 8.57
CA PRO B 169 42.80 11.62 7.70
C PRO B 169 42.34 10.25 7.19
N GLY B 170 42.47 10.04 5.88
CA GLY B 170 42.07 8.77 5.28
C GLY B 170 40.61 8.71 4.87
N ALA B 171 39.91 9.84 4.99
CA ALA B 171 38.50 9.89 4.63
C ALA B 171 38.26 9.52 3.17
N SER B 172 39.24 9.80 2.31
CA SER B 172 39.12 9.51 0.89
C SER B 172 39.10 8.00 0.62
N LEU B 173 39.39 7.21 1.64
CA LEU B 173 39.38 5.76 1.50
C LEU B 173 37.95 5.22 1.45
N GLY B 174 37.01 6.02 1.96
CA GLY B 174 35.61 5.61 1.95
C GLY B 174 34.90 6.07 0.70
N ILE B 175 33.73 5.50 0.44
CA ILE B 175 32.93 5.88 -0.72
C ILE B 175 31.65 6.57 -0.27
N THR B 176 30.82 6.94 -1.24
CA THR B 176 29.54 7.59 -0.95
C THR B 176 28.45 6.79 -1.68
N SER B 177 27.24 7.30 -1.69
CA SER B 177 26.14 6.62 -2.37
C SER B 177 26.45 6.46 -3.86
N ASP B 178 27.25 7.36 -4.42
CA ASP B 178 27.60 7.25 -5.83
C ASP B 178 28.40 5.96 -6.03
N GLY B 179 29.36 5.73 -5.14
CA GLY B 179 30.19 4.54 -5.23
C GLY B 179 29.40 3.28 -4.89
N PHE B 180 28.35 3.44 -4.09
CA PHE B 180 27.51 2.31 -3.73
C PHE B 180 26.97 1.68 -5.00
N PHE B 181 26.58 2.52 -5.94
CA PHE B 181 26.00 2.04 -7.18
C PHE B 181 27.01 1.52 -8.20
N GLN B 182 28.30 1.62 -7.85
CA GLN B 182 29.34 1.11 -8.73
C GLN B 182 29.82 -0.24 -8.19
N LEU B 183 29.41 -0.56 -6.96
CA LEU B 183 29.80 -1.83 -6.35
C LEU B 183 29.42 -3.01 -7.23
N GLU B 184 30.34 -3.95 -7.42
CA GLU B 184 30.08 -5.12 -8.24
C GLU B 184 30.05 -6.39 -7.42
N GLU B 185 30.37 -6.27 -6.14
CA GLU B 185 30.37 -7.42 -5.25
C GLU B 185 29.83 -6.98 -3.89
N LEU B 186 29.32 -7.93 -3.11
CA LEU B 186 28.79 -7.65 -1.79
C LEU B 186 29.95 -7.49 -0.81
N PRO B 187 30.07 -6.31 -0.17
CA PRO B 187 31.17 -6.10 0.79
C PRO B 187 30.94 -7.03 1.98
N GLY B 188 31.99 -7.69 2.45
CA GLY B 188 31.83 -8.59 3.58
C GLY B 188 31.49 -7.87 4.87
N ARG B 189 32.17 -6.74 5.08
CA ARG B 189 31.99 -5.93 6.28
C ARG B 189 31.76 -4.48 5.87
N SER B 190 30.62 -3.92 6.28
CA SER B 190 30.27 -2.54 5.92
C SER B 190 30.04 -1.63 7.13
N VAL B 191 30.50 -0.40 7.02
CA VAL B 191 30.29 0.61 8.06
C VAL B 191 29.74 1.84 7.33
N ILE B 192 28.51 2.22 7.65
CA ILE B 192 27.88 3.38 7.03
C ILE B 192 27.88 4.49 8.08
N VAL B 193 28.29 5.70 7.68
CA VAL B 193 28.32 6.81 8.63
C VAL B 193 27.24 7.82 8.27
N GLY B 194 26.30 8.03 9.21
CA GLY B 194 25.22 8.97 8.95
C GLY B 194 23.94 8.52 9.61
N ALA B 195 23.01 9.45 9.81
CA ALA B 195 21.75 9.11 10.47
C ALA B 195 20.52 9.53 9.65
N GLY B 196 20.76 10.05 8.45
CA GLY B 196 19.67 10.49 7.58
C GLY B 196 19.05 9.34 6.80
N TYR B 197 18.06 9.63 5.96
CA TYR B 197 17.41 8.54 5.25
C TYR B 197 18.30 7.77 4.27
N ILE B 198 19.23 8.46 3.61
CA ILE B 198 20.11 7.76 2.67
C ILE B 198 20.98 6.77 3.44
N ALA B 199 21.49 7.18 4.60
CA ALA B 199 22.32 6.32 5.42
C ALA B 199 21.49 5.11 5.87
N VAL B 200 20.27 5.37 6.31
CA VAL B 200 19.39 4.29 6.77
C VAL B 200 19.07 3.29 5.66
N GLU B 201 18.76 3.80 4.47
CA GLU B 201 18.44 2.92 3.34
C GLU B 201 19.61 2.05 2.92
N MET B 202 20.80 2.64 2.82
CA MET B 202 21.98 1.88 2.42
C MET B 202 22.33 0.80 3.43
N ALA B 203 22.29 1.15 4.71
CA ALA B 203 22.62 0.18 5.76
C ALA B 203 21.66 -1.01 5.71
N GLY B 204 20.38 -0.71 5.49
CA GLY B 204 19.37 -1.76 5.44
C GLY B 204 19.55 -2.72 4.29
N ILE B 205 19.88 -2.19 3.11
CA ILE B 205 20.09 -3.01 1.93
C ILE B 205 21.32 -3.90 2.10
N LEU B 206 22.44 -3.31 2.53
CA LEU B 206 23.66 -4.08 2.72
C LEU B 206 23.49 -5.19 3.74
N SER B 207 22.89 -4.87 4.88
CA SER B 207 22.68 -5.87 5.93
C SER B 207 21.74 -6.99 5.47
N ALA B 208 20.65 -6.61 4.80
CA ALA B 208 19.68 -7.60 4.32
C ALA B 208 20.31 -8.57 3.33
N LEU B 209 21.23 -8.08 2.51
CA LEU B 209 21.88 -8.90 1.50
C LEU B 209 23.07 -9.71 2.01
N GLY B 210 23.39 -9.59 3.29
CA GLY B 210 24.47 -10.39 3.84
C GLY B 210 25.70 -9.73 4.43
N SER B 211 25.87 -8.43 4.22
CA SER B 211 27.06 -7.77 4.78
C SER B 211 26.94 -7.58 6.28
N LYS B 212 28.06 -7.76 6.99
CA LYS B 212 28.10 -7.55 8.45
C LYS B 212 28.13 -6.03 8.49
N THR B 213 27.01 -5.43 8.87
CA THR B 213 26.84 -3.98 8.83
C THR B 213 26.72 -3.22 10.14
N SER B 214 27.37 -2.06 10.18
CA SER B 214 27.31 -1.15 11.33
C SER B 214 26.87 0.21 10.78
N LEU B 215 26.09 0.93 11.57
CA LEU B 215 25.61 2.27 11.18
C LEU B 215 26.09 3.21 12.30
N MET B 216 26.96 4.15 11.96
CA MET B 216 27.51 5.05 12.96
C MET B 216 26.78 6.39 12.98
N ILE B 217 26.19 6.73 14.12
CA ILE B 217 25.45 7.97 14.25
C ILE B 217 25.99 8.85 15.39
N ARG B 218 25.80 10.15 15.25
CA ARG B 218 26.29 11.12 16.23
C ARG B 218 25.52 11.15 17.55
N HIS B 219 24.26 10.72 17.52
CA HIS B 219 23.45 10.71 18.74
C HIS B 219 22.90 9.34 19.12
N ASP B 220 21.68 9.33 19.66
CA ASP B 220 21.06 8.08 20.13
C ASP B 220 20.13 7.38 19.16
N LYS B 221 19.60 8.12 18.19
CA LYS B 221 18.65 7.56 17.23
C LYS B 221 18.85 8.09 15.83
N VAL B 222 18.28 7.40 14.84
CA VAL B 222 18.37 7.82 13.46
C VAL B 222 17.15 8.69 13.13
N LEU B 223 17.20 9.36 11.99
CA LEU B 223 16.09 10.19 11.50
C LEU B 223 15.53 11.13 12.56
N ARG B 224 16.41 11.87 13.23
CA ARG B 224 15.97 12.78 14.28
C ARG B 224 15.09 13.95 13.82
N SER B 225 15.04 14.21 12.51
CA SER B 225 14.20 15.28 12.00
C SER B 225 12.76 14.79 11.79
N PHE B 226 12.57 13.48 11.87
CA PHE B 226 11.25 12.88 11.71
C PHE B 226 10.53 12.89 13.05
N ASP B 227 9.25 12.51 13.04
CA ASP B 227 8.48 12.45 14.30
C ASP B 227 9.20 11.52 15.28
N SER B 228 9.17 11.87 16.56
CA SER B 228 9.83 11.07 17.60
C SER B 228 9.50 9.58 17.55
N MET B 229 8.26 9.24 17.25
CA MET B 229 7.85 7.84 17.19
C MET B 229 8.61 7.11 16.09
N ILE B 230 8.78 7.77 14.95
CA ILE B 230 9.51 7.20 13.82
C ILE B 230 11.00 7.07 14.10
N SER B 231 11.58 8.12 14.68
CA SER B 231 13.01 8.10 15.01
C SER B 231 13.31 6.94 15.96
N THR B 232 12.48 6.78 16.98
CA THR B 232 12.64 5.70 17.95
C THR B 232 12.41 4.31 17.35
N ASN B 233 11.30 4.16 16.65
CA ASN B 233 10.97 2.89 16.04
C ASN B 233 11.96 2.45 14.98
N CYS B 234 12.41 3.37 14.14
CA CYS B 234 13.34 3.01 13.08
C CYS B 234 14.67 2.51 13.64
N THR B 235 15.13 3.17 14.70
CA THR B 235 16.39 2.78 15.34
C THR B 235 16.25 1.35 15.87
N GLU B 236 15.11 1.05 16.48
CA GLU B 236 14.89 -0.28 17.04
C GLU B 236 14.80 -1.35 15.95
N GLU B 237 14.12 -1.04 14.84
CA GLU B 237 13.99 -2.02 13.76
C GLU B 237 15.33 -2.30 13.10
N LEU B 238 16.21 -1.30 13.03
CA LEU B 238 17.52 -1.50 12.44
C LEU B 238 18.28 -2.51 13.29
N GLU B 239 18.25 -2.31 14.61
CA GLU B 239 18.94 -3.21 15.53
C GLU B 239 18.36 -4.62 15.47
N ASN B 240 17.04 -4.72 15.33
CA ASN B 240 16.38 -6.02 15.25
C ASN B 240 16.72 -6.74 13.95
N ALA B 241 17.04 -5.97 12.91
CA ALA B 241 17.40 -6.54 11.61
C ALA B 241 18.87 -6.94 11.54
N GLY B 242 19.61 -6.72 12.63
CA GLY B 242 21.01 -7.08 12.64
C GLY B 242 21.99 -5.98 12.31
N VAL B 243 21.51 -4.74 12.17
CA VAL B 243 22.41 -3.64 11.89
C VAL B 243 22.94 -3.15 13.24
N GLU B 244 24.26 -3.12 13.39
CA GLU B 244 24.85 -2.64 14.62
C GLU B 244 24.83 -1.12 14.60
N VAL B 245 24.02 -0.51 15.47
CA VAL B 245 23.93 0.94 15.53
C VAL B 245 24.93 1.46 16.55
N LEU B 246 25.95 2.17 16.06
CA LEU B 246 26.99 2.74 16.91
C LEU B 246 26.60 4.16 17.29
N LYS B 247 26.04 4.30 18.50
CA LYS B 247 25.57 5.60 18.99
C LYS B 247 26.65 6.52 19.56
N PHE B 248 26.39 7.83 19.48
CA PHE B 248 27.33 8.84 19.97
C PHE B 248 28.75 8.53 19.53
N SER B 249 28.89 8.21 18.25
CA SER B 249 30.17 7.84 17.68
C SER B 249 30.54 8.63 16.43
N GLN B 250 31.82 8.94 16.28
CA GLN B 250 32.32 9.70 15.14
C GLN B 250 33.67 9.14 14.69
N VAL B 251 33.94 9.21 13.39
CA VAL B 251 35.19 8.72 12.84
C VAL B 251 36.29 9.75 13.04
N LYS B 252 37.45 9.29 13.50
CA LYS B 252 38.59 10.16 13.72
C LYS B 252 39.67 9.95 12.66
N GLU B 253 39.78 8.72 12.18
CA GLU B 253 40.79 8.40 11.17
C GLU B 253 40.48 7.07 10.49
N VAL B 254 40.98 6.91 9.27
CA VAL B 254 40.79 5.70 8.49
C VAL B 254 42.15 5.31 7.91
N LYS B 255 42.51 4.03 8.03
CA LYS B 255 43.78 3.57 7.50
C LYS B 255 43.63 2.29 6.68
N LYS B 256 44.48 2.15 5.66
CA LYS B 256 44.46 0.98 4.81
C LYS B 256 45.22 -0.12 5.53
N THR B 257 44.67 -1.33 5.53
CA THR B 257 45.32 -2.47 6.18
C THR B 257 45.46 -3.59 5.16
N LEU B 258 46.06 -4.69 5.58
CA LEU B 258 46.24 -5.82 4.68
C LEU B 258 44.90 -6.47 4.31
N SER B 259 43.91 -6.33 5.18
CA SER B 259 42.60 -6.92 4.92
C SER B 259 41.47 -5.89 4.78
N GLY B 260 41.78 -4.76 4.14
CA GLY B 260 40.77 -3.74 3.94
C GLY B 260 41.05 -2.39 4.59
N LEU B 261 40.15 -1.98 5.48
CA LEU B 261 40.29 -0.70 6.16
C LEU B 261 40.14 -0.82 7.67
N GLU B 262 40.79 0.08 8.39
CA GLU B 262 40.70 0.14 9.85
C GLU B 262 40.07 1.50 10.13
N VAL B 263 38.93 1.50 10.81
CA VAL B 263 38.25 2.74 11.13
C VAL B 263 38.41 3.09 12.60
N SER B 264 39.05 4.22 12.87
CA SER B 264 39.27 4.68 14.23
C SER B 264 38.04 5.51 14.61
N MET B 265 37.37 5.09 15.66
CA MET B 265 36.15 5.76 16.11
C MET B 265 36.18 6.20 17.57
N VAL B 266 35.53 7.32 17.85
CA VAL B 266 35.44 7.83 19.21
C VAL B 266 33.98 7.79 19.61
N THR B 267 33.71 7.18 20.76
CA THR B 267 32.35 7.06 21.27
C THR B 267 32.26 7.87 22.56
N ALA B 268 31.26 8.74 22.65
CA ALA B 268 31.09 9.57 23.84
C ALA B 268 29.63 9.62 24.27
N VAL B 269 29.21 8.58 24.98
CA VAL B 269 27.84 8.48 25.47
C VAL B 269 27.67 9.34 26.72
N PRO B 270 26.63 10.19 26.74
CA PRO B 270 26.41 11.04 27.91
C PRO B 270 26.40 10.21 29.19
N GLY B 271 27.07 10.70 30.22
CA GLY B 271 27.12 9.97 31.47
C GLY B 271 28.29 9.01 31.55
N ARG B 272 28.92 8.73 30.42
CA ARG B 272 30.06 7.82 30.39
C ARG B 272 31.32 8.54 29.94
N LEU B 273 32.44 7.85 30.00
CA LEU B 273 33.71 8.41 29.57
C LEU B 273 33.93 8.08 28.10
N PRO B 274 34.49 9.03 27.33
CA PRO B 274 34.74 8.80 25.92
C PRO B 274 35.75 7.67 25.70
N VAL B 275 35.54 6.88 24.65
CA VAL B 275 36.42 5.76 24.35
C VAL B 275 36.75 5.65 22.87
N MET B 276 37.98 5.23 22.59
CA MET B 276 38.47 5.05 21.23
C MET B 276 38.35 3.57 20.86
N THR B 277 37.85 3.31 19.66
CA THR B 277 37.69 1.95 19.18
C THR B 277 38.21 1.84 17.76
N MET B 278 38.95 0.77 17.47
CA MET B 278 39.49 0.56 16.13
C MET B 278 38.70 -0.58 15.48
N ILE B 279 37.88 -0.24 14.50
CA ILE B 279 37.08 -1.22 13.78
C ILE B 279 37.94 -1.81 12.66
N PRO B 280 38.32 -3.09 12.79
CA PRO B 280 39.17 -3.74 11.78
C PRO B 280 38.43 -4.46 10.66
N ASP B 281 39.18 -4.86 9.65
CA ASP B 281 38.69 -5.63 8.52
C ASP B 281 37.44 -5.08 7.82
N VAL B 282 37.36 -3.76 7.67
CA VAL B 282 36.21 -3.17 6.99
C VAL B 282 36.42 -3.17 5.49
N ASP B 283 35.46 -3.71 4.74
CA ASP B 283 35.57 -3.78 3.28
C ASP B 283 35.01 -2.55 2.59
N CYS B 284 33.99 -1.96 3.19
CA CYS B 284 33.35 -0.79 2.62
C CYS B 284 32.96 0.23 3.70
N LEU B 285 33.52 1.43 3.58
CA LEU B 285 33.20 2.53 4.52
C LEU B 285 32.44 3.50 3.64
N LEU B 286 31.16 3.72 3.96
CA LEU B 286 30.32 4.60 3.17
C LEU B 286 29.92 5.87 3.93
N TRP B 287 30.28 7.02 3.38
CA TRP B 287 29.93 8.31 3.98
C TRP B 287 28.53 8.72 3.51
N ALA B 288 27.60 8.87 4.44
CA ALA B 288 26.24 9.30 4.11
C ALA B 288 25.90 10.38 5.13
N ILE B 289 26.76 11.41 5.18
CA ILE B 289 26.62 12.50 6.13
C ILE B 289 25.96 13.75 5.57
N GLY B 290 25.39 13.65 4.38
CA GLY B 290 24.73 14.79 3.77
C GLY B 290 25.16 15.04 2.34
N ARG B 291 24.52 16.02 1.72
CA ARG B 291 24.84 16.39 0.35
C ARG B 291 25.04 17.89 0.24
N VAL B 292 25.85 18.30 -0.73
CA VAL B 292 26.11 19.70 -0.94
C VAL B 292 25.67 20.07 -2.36
N PRO B 293 25.22 21.32 -2.56
CA PRO B 293 24.76 21.77 -3.87
C PRO B 293 25.93 21.93 -4.86
N ASN B 294 25.66 21.71 -6.14
CA ASN B 294 26.69 21.85 -7.17
C ASN B 294 26.71 23.28 -7.71
N THR B 295 27.45 24.14 -7.04
CA THR B 295 27.56 25.54 -7.46
C THR B 295 28.97 26.08 -7.29
N LYS B 296 29.90 25.22 -6.87
CA LYS B 296 31.28 25.65 -6.66
C LYS B 296 32.00 26.13 -7.91
N ASP B 297 31.62 25.58 -9.07
CA ASP B 297 32.26 25.97 -10.32
C ASP B 297 31.34 26.65 -11.33
N LEU B 298 30.26 27.23 -10.84
CA LEU B 298 29.31 27.90 -11.73
C LEU B 298 29.66 29.37 -11.95
N SER B 299 30.59 29.88 -11.15
CA SER B 299 31.00 31.27 -11.26
C SER B 299 29.79 32.19 -11.24
N LEU B 300 28.85 31.90 -10.35
CA LEU B 300 27.64 32.70 -10.23
C LEU B 300 27.96 34.04 -9.58
N ASN B 301 29.17 34.15 -9.02
CA ASN B 301 29.61 35.37 -8.37
C ASN B 301 29.81 36.46 -9.42
N LYS B 302 30.14 36.04 -10.64
CA LYS B 302 30.35 36.97 -11.74
C LYS B 302 29.06 37.69 -12.14
N LEU B 303 27.93 37.23 -11.62
CA LEU B 303 26.66 37.86 -11.95
C LEU B 303 25.90 38.26 -10.70
N GLY B 304 26.52 38.07 -9.54
CA GLY B 304 25.89 38.42 -8.28
C GLY B 304 24.71 37.56 -7.88
N ILE B 305 24.69 36.31 -8.32
CA ILE B 305 23.61 35.40 -7.98
C ILE B 305 23.74 35.01 -6.51
N GLN B 306 22.67 35.25 -5.76
CA GLN B 306 22.64 34.98 -4.32
C GLN B 306 22.65 33.49 -3.94
N THR B 307 23.40 33.16 -2.89
CA THR B 307 23.50 31.80 -2.39
C THR B 307 23.67 31.90 -0.88
N ASP B 308 23.43 30.79 -0.16
CA ASP B 308 23.63 30.83 1.27
C ASP B 308 25.05 30.39 1.56
N ASP B 309 25.40 30.27 2.84
CA ASP B 309 26.74 29.87 3.24
C ASP B 309 27.07 28.43 2.85
N LYS B 310 26.04 27.65 2.52
CA LYS B 310 26.21 26.26 2.11
C LYS B 310 26.37 26.11 0.60
N GLY B 311 26.09 27.18 -0.13
CA GLY B 311 26.22 27.13 -1.57
C GLY B 311 24.90 26.94 -2.30
N HIS B 312 23.79 26.93 -1.57
CA HIS B 312 22.48 26.77 -2.18
C HIS B 312 22.05 28.06 -2.86
N ILE B 313 21.41 27.94 -4.02
CA ILE B 313 20.93 29.12 -4.73
C ILE B 313 19.63 29.58 -4.06
N ILE B 314 19.59 30.84 -3.65
CA ILE B 314 18.41 31.39 -2.99
C ILE B 314 17.34 31.72 -4.03
N VAL B 315 16.08 31.42 -3.72
CA VAL B 315 14.96 31.69 -4.62
C VAL B 315 13.70 32.06 -3.86
N ASP B 316 12.74 32.66 -4.56
CA ASP B 316 11.47 33.01 -3.92
C ASP B 316 10.48 31.89 -4.25
N GLU B 317 9.21 32.10 -3.90
CA GLU B 317 8.16 31.11 -4.15
C GLU B 317 7.99 30.71 -5.61
N PHE B 318 8.45 31.56 -6.52
CA PHE B 318 8.32 31.28 -7.96
C PHE B 318 9.62 30.79 -8.54
N GLN B 319 10.54 30.38 -7.67
CA GLN B 319 11.84 29.86 -8.08
C GLN B 319 12.70 30.93 -8.75
N ASN B 320 12.42 32.20 -8.48
CA ASN B 320 13.21 33.30 -9.04
C ASN B 320 14.46 33.53 -8.20
N THR B 321 15.60 33.70 -8.85
CA THR B 321 16.83 34.00 -8.14
C THR B 321 16.76 35.50 -7.87
N ASN B 322 17.89 36.10 -7.53
CA ASN B 322 17.94 37.54 -7.26
C ASN B 322 18.26 38.31 -8.54
N VAL B 323 18.54 37.57 -9.61
CA VAL B 323 18.88 38.17 -10.90
C VAL B 323 17.82 37.85 -11.94
N LYS B 324 17.09 38.87 -12.39
CA LYS B 324 16.04 38.69 -13.39
C LYS B 324 16.52 37.84 -14.56
N GLY B 325 15.67 36.92 -15.01
CA GLY B 325 16.02 36.07 -16.13
C GLY B 325 16.72 34.78 -15.72
N ILE B 326 17.02 34.65 -14.43
CA ILE B 326 17.68 33.44 -13.92
C ILE B 326 16.83 32.79 -12.84
N TYR B 327 16.63 31.48 -12.96
CA TYR B 327 15.81 30.74 -11.99
C TYR B 327 16.56 29.50 -11.52
N ALA B 328 16.00 28.84 -10.50
CA ALA B 328 16.60 27.63 -9.97
C ALA B 328 15.52 26.74 -9.35
N VAL B 329 15.70 25.43 -9.50
CA VAL B 329 14.78 24.45 -8.95
C VAL B 329 15.57 23.21 -8.56
N GLY B 330 14.94 22.33 -7.77
CA GLY B 330 15.60 21.10 -7.37
C GLY B 330 16.55 21.15 -6.19
N ASP B 331 17.36 20.11 -6.08
CA ASP B 331 18.33 19.96 -4.99
C ASP B 331 19.28 21.14 -4.82
N VAL B 332 19.58 21.85 -5.90
CA VAL B 332 20.50 22.98 -5.81
C VAL B 332 19.97 24.09 -4.91
N CYS B 333 18.67 24.08 -4.64
CA CYS B 333 18.05 25.09 -3.78
C CYS B 333 17.98 24.66 -2.32
N GLY B 334 18.27 23.38 -2.07
CA GLY B 334 18.29 22.86 -0.71
C GLY B 334 16.99 22.66 0.05
N LYS B 335 15.85 22.73 -0.63
CA LYS B 335 14.57 22.56 0.02
C LYS B 335 13.78 21.40 -0.55
N ALA B 336 13.34 20.49 0.33
CA ALA B 336 12.56 19.32 -0.08
C ALA B 336 13.27 18.57 -1.21
N LEU B 337 14.39 17.95 -0.87
CA LEU B 337 15.21 17.20 -1.83
C LEU B 337 14.59 15.88 -2.25
N LEU B 338 13.62 15.97 -3.15
CA LEU B 338 12.92 14.79 -3.66
C LEU B 338 12.71 14.96 -5.15
N THR B 339 12.70 13.85 -5.87
CA THR B 339 12.51 13.91 -7.32
C THR B 339 11.20 14.55 -7.77
N PRO B 340 10.05 14.10 -7.22
CA PRO B 340 8.78 14.69 -7.64
C PRO B 340 8.69 16.20 -7.37
N VAL B 341 9.43 16.68 -6.37
CA VAL B 341 9.43 18.11 -6.05
C VAL B 341 10.21 18.88 -7.11
N ALA B 342 11.36 18.33 -7.53
CA ALA B 342 12.17 18.98 -8.57
C ALA B 342 11.40 18.99 -9.88
N ILE B 343 10.76 17.87 -10.20
CA ILE B 343 9.98 17.75 -11.43
C ILE B 343 8.81 18.75 -11.43
N ALA B 344 8.04 18.75 -10.36
CA ALA B 344 6.89 19.64 -10.24
C ALA B 344 7.29 21.11 -10.28
N ALA B 345 8.28 21.48 -9.48
CA ALA B 345 8.74 22.87 -9.46
C ALA B 345 9.17 23.26 -10.86
N GLY B 346 9.85 22.34 -11.54
CA GLY B 346 10.32 22.60 -12.89
C GLY B 346 9.17 22.81 -13.88
N ARG B 347 8.11 22.02 -13.73
CA ARG B 347 6.96 22.13 -14.62
C ARG B 347 6.19 23.41 -14.33
N LYS B 348 6.00 23.71 -13.05
CA LYS B 348 5.30 24.91 -12.63
C LYS B 348 6.02 26.16 -13.14
N LEU B 349 7.34 26.07 -13.30
CA LEU B 349 8.14 27.20 -13.78
C LEU B 349 7.97 27.39 -15.29
N ALA B 350 8.18 26.31 -16.05
CA ALA B 350 8.04 26.38 -17.51
C ALA B 350 6.62 26.83 -17.78
N HIS B 351 5.76 26.59 -16.80
CA HIS B 351 4.36 26.96 -16.85
C HIS B 351 4.25 28.48 -16.80
N ARG B 352 4.82 29.07 -15.76
CA ARG B 352 4.79 30.51 -15.56
C ARG B 352 5.47 31.31 -16.68
N LEU B 353 6.66 30.88 -17.07
CA LEU B 353 7.40 31.58 -18.10
C LEU B 353 6.84 31.37 -19.50
N PHE B 354 5.91 30.43 -19.65
CA PHE B 354 5.33 30.15 -20.96
C PHE B 354 3.82 29.93 -20.98
N GLU B 355 3.13 30.42 -19.95
CA GLU B 355 1.67 30.27 -19.86
C GLU B 355 1.06 31.51 -19.21
N TYR B 356 1.90 32.27 -18.49
CA TYR B 356 1.47 33.50 -17.84
C TYR B 356 0.40 33.36 -16.76
N LYS B 357 0.67 32.54 -15.75
CA LYS B 357 -0.27 32.34 -14.65
C LYS B 357 0.38 32.78 -13.34
N GLU B 358 0.24 34.06 -13.02
CA GLU B 358 0.82 34.64 -11.81
C GLU B 358 0.74 33.74 -10.57
N ASP B 359 -0.26 32.87 -10.52
CA ASP B 359 -0.43 31.98 -9.37
C ASP B 359 0.23 30.61 -9.54
N SER B 360 0.91 30.41 -10.67
CA SER B 360 1.57 29.14 -10.94
C SER B 360 2.88 28.96 -10.18
N LYS B 361 2.87 28.03 -9.23
CA LYS B 361 4.05 27.73 -8.43
C LYS B 361 3.79 26.51 -7.57
N LEU B 362 4.85 25.78 -7.25
CA LEU B 362 4.71 24.59 -6.42
C LEU B 362 4.40 24.91 -4.96
N ASP B 363 3.41 24.24 -4.42
CA ASP B 363 3.04 24.42 -3.02
C ASP B 363 3.91 23.41 -2.25
N TYR B 364 4.79 23.92 -1.40
CA TYR B 364 5.68 23.04 -0.64
C TYR B 364 5.12 22.51 0.68
N ASN B 365 3.84 22.76 0.94
CA ASN B 365 3.24 22.26 2.18
C ASN B 365 2.70 20.85 1.98
N ASN B 366 2.74 20.07 3.06
CA ASN B 366 2.22 18.71 3.04
C ASN B 366 2.75 17.80 1.93
N ILE B 367 4.05 17.86 1.68
CA ILE B 367 4.67 17.00 0.68
C ILE B 367 4.92 15.66 1.38
N PRO B 368 4.39 14.55 0.82
CA PRO B 368 4.60 13.23 1.44
C PRO B 368 5.95 12.61 1.08
N THR B 369 6.49 11.78 1.96
CA THR B 369 7.76 11.12 1.69
C THR B 369 7.77 9.71 2.28
N VAL B 370 8.44 8.81 1.59
CA VAL B 370 8.58 7.43 2.04
C VAL B 370 10.08 7.16 2.14
N VAL B 371 10.48 6.52 3.23
CA VAL B 371 11.87 6.14 3.41
C VAL B 371 11.85 4.63 3.24
N PHE B 372 12.69 4.13 2.34
CA PHE B 372 12.70 2.70 2.10
C PHE B 372 13.59 1.92 3.05
N SER B 373 13.14 1.91 4.30
CA SER B 373 13.81 1.19 5.37
C SER B 373 13.13 -0.19 5.44
N HIS B 374 13.39 -0.95 6.51
CA HIS B 374 12.78 -2.26 6.65
C HIS B 374 12.16 -2.42 8.04
N PRO B 375 10.83 -2.28 8.15
CA PRO B 375 9.84 -1.99 7.10
C PRO B 375 9.90 -0.53 6.66
N PRO B 376 9.25 -0.18 5.54
CA PRO B 376 9.26 1.21 5.07
C PRO B 376 8.51 2.21 5.95
N ILE B 377 8.90 3.47 5.80
CA ILE B 377 8.31 4.59 6.55
C ILE B 377 7.54 5.51 5.61
N GLY B 378 6.41 6.01 6.10
CA GLY B 378 5.61 6.94 5.32
C GLY B 378 5.29 8.12 6.22
N THR B 379 5.44 9.34 5.72
CA THR B 379 5.13 10.51 6.52
C THR B 379 4.68 11.70 5.68
N VAL B 380 3.75 12.47 6.21
CA VAL B 380 3.26 13.66 5.52
C VAL B 380 2.77 14.62 6.60
N GLY B 381 3.05 15.90 6.42
CA GLY B 381 2.60 16.85 7.41
C GLY B 381 3.57 17.09 8.54
N LEU B 382 3.06 17.65 9.62
CA LEU B 382 3.86 18.01 10.79
C LEU B 382 4.06 16.89 11.80
N THR B 383 5.22 16.92 12.44
CA THR B 383 5.53 15.96 13.49
C THR B 383 4.71 16.46 14.69
N GLU B 384 4.59 15.64 15.72
CA GLU B 384 3.83 16.05 16.89
C GLU B 384 4.41 17.32 17.50
N ASP B 385 5.74 17.39 17.60
CA ASP B 385 6.40 18.57 18.16
C ASP B 385 6.20 19.82 17.32
N GLU B 386 6.25 19.67 16.01
CA GLU B 386 6.07 20.81 15.12
C GLU B 386 4.65 21.35 15.24
N ALA B 387 3.69 20.45 15.40
CA ALA B 387 2.29 20.84 15.53
C ALA B 387 2.08 21.54 16.88
N ILE B 388 2.66 20.97 17.92
CA ILE B 388 2.54 21.54 19.26
C ILE B 388 3.04 22.98 19.27
N HIS B 389 4.12 23.25 18.53
CA HIS B 389 4.67 24.59 18.47
C HIS B 389 3.83 25.54 17.63
N LYS B 390 3.23 25.03 16.57
CA LYS B 390 2.42 25.87 15.69
C LYS B 390 1.02 26.16 16.22
N TYR B 391 0.42 25.18 16.90
CA TYR B 391 -0.93 25.33 17.41
C TYR B 391 -1.04 25.46 18.93
N GLY B 392 -0.05 24.97 19.65
CA GLY B 392 -0.08 25.04 21.11
C GLY B 392 -0.50 23.69 21.67
N ILE B 393 0.23 23.22 22.68
CA ILE B 393 -0.06 21.92 23.31
C ILE B 393 -1.54 21.71 23.61
N GLU B 394 -2.21 22.78 24.00
CA GLU B 394 -3.63 22.72 24.33
C GLU B 394 -4.54 22.55 23.12
N ASN B 395 -3.99 22.73 21.93
CA ASN B 395 -4.78 22.61 20.70
C ASN B 395 -4.33 21.47 19.81
N VAL B 396 -3.55 20.55 20.38
CA VAL B 396 -3.06 19.40 19.63
C VAL B 396 -3.38 18.09 20.33
N LYS B 397 -3.92 17.14 19.59
CA LYS B 397 -4.23 15.83 20.15
C LYS B 397 -3.72 14.76 19.19
N THR B 398 -3.03 13.77 19.73
CA THR B 398 -2.50 12.71 18.87
C THR B 398 -3.13 11.36 19.15
N TYR B 399 -3.25 10.57 18.09
CA TYR B 399 -3.80 9.24 18.16
C TYR B 399 -2.71 8.34 17.60
N SER B 400 -2.48 7.20 18.23
CA SER B 400 -1.45 6.29 17.75
C SER B 400 -1.74 4.85 18.12
N THR B 401 -1.14 3.93 17.38
CA THR B 401 -1.31 2.52 17.65
C THR B 401 -0.07 1.77 17.19
N SER B 402 0.12 0.57 17.74
CA SER B 402 1.25 -0.28 17.37
C SER B 402 0.69 -1.70 17.37
N PHE B 403 1.06 -2.47 16.36
CA PHE B 403 0.59 -3.85 16.26
C PHE B 403 1.54 -4.65 15.39
N THR B 404 1.35 -5.97 15.38
CA THR B 404 2.17 -6.85 14.57
C THR B 404 1.30 -7.27 13.40
N PRO B 405 1.69 -6.90 12.17
CA PRO B 405 0.92 -7.26 10.97
C PRO B 405 0.61 -8.76 10.95
N MET B 406 -0.57 -9.13 10.48
CA MET B 406 -0.93 -10.54 10.47
C MET B 406 -0.08 -11.40 9.54
N TYR B 407 0.76 -10.76 8.73
CA TYR B 407 1.66 -11.51 7.85
C TYR B 407 2.59 -12.33 8.76
N HIS B 408 2.90 -11.79 9.94
CA HIS B 408 3.78 -12.47 10.90
C HIS B 408 3.07 -13.41 11.86
N ALA B 409 1.78 -13.63 11.67
CA ALA B 409 1.03 -14.52 12.56
C ALA B 409 1.62 -15.92 12.57
N VAL B 410 2.28 -16.29 11.47
CA VAL B 410 2.88 -17.62 11.38
C VAL B 410 4.40 -17.65 11.26
N THR B 411 5.05 -16.50 11.46
CA THR B 411 6.51 -16.46 11.33
C THR B 411 7.21 -16.27 12.67
N LYS B 412 8.45 -16.73 12.75
CA LYS B 412 9.23 -16.59 13.97
C LYS B 412 9.82 -15.17 13.98
N ARG B 413 10.15 -14.68 12.79
CA ARG B 413 10.70 -13.34 12.63
C ARG B 413 9.54 -12.35 12.74
N LYS B 414 9.79 -11.17 13.30
CA LYS B 414 8.72 -10.18 13.45
C LYS B 414 9.14 -8.75 13.16
N THR B 415 8.18 -7.95 12.74
CA THR B 415 8.39 -6.52 12.52
C THR B 415 7.10 -5.93 13.05
N LYS B 416 7.12 -4.68 13.49
CA LYS B 416 5.89 -4.12 13.96
C LYS B 416 5.43 -2.99 13.07
N CYS B 417 4.21 -2.52 13.32
CA CYS B 417 3.68 -1.41 12.57
C CYS B 417 3.23 -0.35 13.56
N VAL B 418 3.74 0.85 13.40
CA VAL B 418 3.37 1.96 14.28
C VAL B 418 2.76 3.04 13.41
N MET B 419 1.70 3.67 13.91
CA MET B 419 1.02 4.72 13.15
C MET B 419 0.67 5.85 14.11
N LYS B 420 0.79 7.07 13.64
CA LYS B 420 0.46 8.22 14.46
C LYS B 420 -0.26 9.29 13.64
N MET B 421 -1.37 9.78 14.19
CA MET B 421 -2.14 10.84 13.56
C MET B 421 -2.08 12.06 14.46
N VAL B 422 -1.64 13.18 13.92
CA VAL B 422 -1.52 14.43 14.67
C VAL B 422 -2.67 15.35 14.27
N CYS B 423 -3.52 15.71 15.24
CA CYS B 423 -4.67 16.57 14.97
C CYS B 423 -4.56 17.94 15.63
N ALA B 424 -5.16 18.95 14.99
CA ALA B 424 -5.11 20.31 15.50
C ALA B 424 -6.49 20.95 15.68
N ASN B 425 -6.60 21.78 16.71
CA ASN B 425 -7.84 22.51 16.99
C ASN B 425 -9.05 21.64 17.32
N LYS B 426 -10.16 22.30 17.61
CA LYS B 426 -11.39 21.60 17.97
C LYS B 426 -11.92 20.61 16.93
N GLU B 427 -11.81 20.95 15.65
CA GLU B 427 -12.31 20.06 14.60
C GLU B 427 -11.38 18.88 14.35
N GLU B 428 -10.22 18.88 15.02
CA GLU B 428 -9.24 17.82 14.86
C GLU B 428 -8.76 17.66 13.42
N LYS B 429 -8.32 18.77 12.83
CA LYS B 429 -7.83 18.75 11.47
C LYS B 429 -6.58 17.87 11.48
N VAL B 430 -6.46 16.95 10.53
CA VAL B 430 -5.30 16.07 10.47
C VAL B 430 -4.14 16.84 9.84
N VAL B 431 -3.15 17.21 10.65
CA VAL B 431 -2.00 17.97 10.16
C VAL B 431 -0.75 17.12 10.00
N GLY B 432 -0.84 15.85 10.37
CA GLY B 432 0.30 14.95 10.24
C GLY B 432 -0.06 13.46 10.36
N ILE B 433 0.58 12.64 9.52
CA ILE B 433 0.39 11.19 9.54
C ILE B 433 1.80 10.61 9.46
N HIS B 434 2.13 9.72 10.40
CA HIS B 434 3.46 9.13 10.45
C HIS B 434 3.35 7.64 10.71
N MET B 435 4.06 6.83 9.94
CA MET B 435 3.97 5.40 10.15
C MET B 435 5.16 4.62 9.60
N GLN B 436 5.34 3.41 10.14
CA GLN B 436 6.37 2.50 9.68
C GLN B 436 5.77 1.10 9.79
N GLY B 437 5.95 0.31 8.73
CA GLY B 437 5.40 -1.04 8.74
C GLY B 437 5.24 -1.59 7.33
N LEU B 438 4.99 -2.88 7.24
CA LEU B 438 4.77 -3.55 5.96
C LEU B 438 3.68 -2.85 5.16
N GLY B 439 3.98 -2.56 3.90
CA GLY B 439 3.00 -1.92 3.04
C GLY B 439 2.87 -0.41 3.16
N CYS B 440 3.54 0.20 4.13
CA CYS B 440 3.41 1.64 4.29
C CYS B 440 3.91 2.43 3.09
N ASP B 441 4.79 1.83 2.28
CA ASP B 441 5.30 2.54 1.10
C ASP B 441 4.20 2.84 0.06
N GLU B 442 3.22 1.94 -0.08
CA GLU B 442 2.15 2.14 -1.06
C GLU B 442 0.86 2.66 -0.40
N MET B 443 0.88 2.74 0.92
CA MET B 443 -0.28 3.17 1.69
C MET B 443 -0.45 4.68 1.85
N LEU B 444 0.67 5.39 1.83
CA LEU B 444 0.68 6.83 2.07
C LEU B 444 0.06 7.79 1.05
N GLN B 445 0.27 7.55 -0.24
CA GLN B 445 -0.23 8.47 -1.26
C GLN B 445 -1.69 8.93 -1.09
N GLY B 446 -2.60 7.99 -0.88
CA GLY B 446 -4.00 8.34 -0.72
C GLY B 446 -4.27 9.22 0.49
N PHE B 447 -3.63 8.90 1.61
CA PHE B 447 -3.82 9.69 2.82
C PHE B 447 -3.24 11.10 2.64
N ALA B 448 -2.20 11.21 1.82
CA ALA B 448 -1.60 12.53 1.57
C ALA B 448 -2.60 13.40 0.81
N VAL B 449 -3.37 12.79 -0.09
CA VAL B 449 -4.38 13.53 -0.85
C VAL B 449 -5.40 14.10 0.14
N ALA B 450 -5.81 13.27 1.10
CA ALA B 450 -6.79 13.67 2.11
C ALA B 450 -6.27 14.78 3.01
N VAL B 451 -5.00 14.71 3.39
CA VAL B 451 -4.42 15.75 4.25
C VAL B 451 -4.34 17.07 3.47
N LYS B 452 -3.97 16.99 2.20
CA LYS B 452 -3.86 18.16 1.36
C LYS B 452 -5.23 18.84 1.21
N MET B 453 -6.28 18.04 1.35
CA MET B 453 -7.65 18.55 1.25
C MET B 453 -8.14 19.11 2.58
N GLY B 454 -7.31 19.01 3.61
CA GLY B 454 -7.69 19.52 4.91
C GLY B 454 -8.61 18.59 5.68
N ALA B 455 -8.45 17.29 5.49
CA ALA B 455 -9.28 16.31 6.17
C ALA B 455 -9.18 16.41 7.69
N THR B 456 -10.28 16.09 8.36
CA THR B 456 -10.33 16.10 9.82
C THR B 456 -10.41 14.62 10.23
N LYS B 457 -10.29 14.35 11.53
CA LYS B 457 -10.37 12.96 11.96
C LYS B 457 -11.73 12.36 11.64
N ALA B 458 -12.77 13.19 11.67
CA ALA B 458 -14.11 12.73 11.35
C ALA B 458 -14.13 12.16 9.93
N ASP B 459 -13.46 12.83 9.00
CA ASP B 459 -13.42 12.37 7.62
C ASP B 459 -12.81 10.96 7.56
N PHE B 460 -11.77 10.73 8.34
CA PHE B 460 -11.12 9.43 8.38
C PHE B 460 -12.05 8.38 8.97
N ASP B 461 -12.63 8.70 10.13
CA ASP B 461 -13.53 7.77 10.82
C ASP B 461 -14.81 7.49 10.03
N ASN B 462 -15.22 8.43 9.19
CA ASN B 462 -16.43 8.24 8.38
C ASN B 462 -16.20 7.34 7.17
N THR B 463 -14.93 7.01 6.91
CA THR B 463 -14.61 6.15 5.78
C THR B 463 -14.59 4.69 6.25
N VAL B 464 -15.35 3.83 5.57
CA VAL B 464 -15.41 2.42 5.96
C VAL B 464 -14.08 1.72 5.71
N ALA B 465 -13.69 0.90 6.68
CA ALA B 465 -12.44 0.15 6.64
C ALA B 465 -12.39 -0.97 5.63
N ILE B 466 -11.18 -1.31 5.19
CA ILE B 466 -10.94 -2.40 4.27
C ILE B 466 -10.27 -3.47 5.12
N HIS B 467 -10.93 -4.61 5.25
CA HIS B 467 -10.46 -5.71 6.09
C HIS B 467 -10.18 -6.98 5.28
N PRO B 468 -9.08 -7.68 5.59
CA PRO B 468 -8.09 -7.37 6.63
C PRO B 468 -6.86 -6.75 5.98
N THR B 469 -6.49 -5.56 6.42
CA THR B 469 -5.31 -4.87 5.90
C THR B 469 -4.69 -4.09 7.06
N SER B 470 -3.48 -3.58 6.85
CA SER B 470 -2.85 -2.76 7.88
C SER B 470 -3.42 -1.35 7.74
N SER B 471 -3.75 -0.96 6.50
CA SER B 471 -4.24 0.39 6.24
C SER B 471 -5.53 0.76 6.97
N GLU B 472 -6.37 -0.21 7.27
CA GLU B 472 -7.63 0.07 7.96
C GLU B 472 -7.39 0.63 9.37
N GLU B 473 -6.23 0.37 9.95
CA GLU B 473 -5.97 0.89 11.29
C GLU B 473 -5.97 2.42 11.35
N LEU B 474 -5.66 3.08 10.23
CA LEU B 474 -5.65 4.53 10.20
C LEU B 474 -7.04 5.15 10.19
N VAL B 475 -8.06 4.38 9.84
CA VAL B 475 -9.41 4.92 9.83
C VAL B 475 -10.23 4.40 11.01
N THR B 476 -9.56 3.70 11.92
CA THR B 476 -10.22 3.17 13.11
C THR B 476 -9.44 3.47 14.38
N LEU B 477 -8.73 4.59 14.40
CA LEU B 477 -7.95 4.99 15.56
C LEU B 477 -8.90 5.55 16.62
N ARG B 478 -8.63 5.21 17.88
CA ARG B 478 -9.47 5.70 18.97
C ARG B 478 -8.57 6.16 20.10
P PO4 C . -27.43 -15.48 -16.42
O1 PO4 C . -28.22 -14.78 -15.37
O2 PO4 C . -26.13 -15.90 -15.86
O3 PO4 C . -27.22 -14.57 -17.58
O4 PO4 C . -28.18 -16.69 -16.88
P PO4 D . -21.82 -14.62 -13.48
O1 PO4 D . -21.27 -15.82 -14.15
O2 PO4 D . -23.21 -14.38 -13.95
O3 PO4 D . -21.81 -14.82 -12.01
O4 PO4 D . -20.98 -13.44 -13.82
C1 ELI E . -9.58 -11.21 17.31
C2 ELI E . -11.08 -11.32 17.21
C3 ELI E . -11.77 -10.94 15.93
C4 ELI E . -10.89 -10.42 14.70
C5 ELI E . -9.39 -10.33 14.85
C6 ELI E . -8.74 -10.72 16.14
O7 ELI E . -14.06 -11.46 16.76
C10 ELI E . -13.35 -11.05 15.78
C11 ELI E . -11.58 -10.01 13.32
C14 ELI E . -13.20 -10.13 13.19
C15 ELI E . -14.00 -10.61 14.35
O16 ELI E . -10.88 -9.61 12.37
C17 ELI E . -13.73 -9.68 11.80
C18 ELI E . -15.51 -10.73 14.32
C19 ELI E . -15.93 -9.33 14.98
C20 ELI E . -16.62 -8.08 15.22
C23 ELI E . -16.15 -7.98 16.55
C26 ELI E . -16.39 -6.50 16.70
C43 ELI E . -16.36 -5.80 17.97
O44 ELI E . -16.10 -6.08 18.99
O45 ELI E . -16.75 -4.55 17.75
PA FAD F . -21.48 -13.75 10.64
O1A FAD F . -20.13 -13.29 11.02
O2A FAD F . -21.70 -14.85 9.69
O5B FAD F . -22.13 -14.02 12.06
C5B FAD F . -23.46 -14.52 12.26
C4B FAD F . -23.34 -15.38 13.53
O4B FAD F . -24.70 -15.69 13.94
C3B FAD F . -22.62 -16.74 13.34
O3B FAD F . -21.55 -16.84 14.25
C2B FAD F . -23.72 -17.77 13.55
O2B FAD F . -23.33 -19.04 14.07
C1B FAD F . -24.73 -17.04 14.43
N9A FAD F . -26.14 -17.44 14.36
C8A FAD F . -26.93 -17.68 13.25
N7A FAD F . -28.18 -18.00 13.52
C5A FAD F . -28.23 -17.99 14.91
C6A FAD F . -29.27 -18.24 15.88
N6A FAD F . -30.50 -18.56 15.48
N1A FAD F . -28.99 -18.14 17.21
C2A FAD F . -27.71 -17.80 17.65
N3A FAD F . -26.67 -17.54 16.80
C4A FAD F . -26.97 -17.65 15.43
N1 FAD F . -15.39 -9.47 4.19
C2 FAD F . -14.44 -8.49 4.20
O2 FAD F . -14.68 -7.34 4.62
N3 FAD F . -13.13 -8.80 3.77
C4 FAD F . -12.74 -10.06 3.31
O4 FAD F . -11.55 -10.26 2.98
C4X FAD F . -13.73 -11.07 3.26
N5 FAD F . -13.38 -12.39 2.84
C5X FAD F . -14.33 -13.41 2.91
C6 FAD F . -13.98 -14.76 2.53
C7 FAD F . -14.93 -15.81 2.62
C7M FAD F . -14.46 -17.20 2.21
C8 FAD F . -16.26 -15.56 3.11
C8M FAD F . -17.37 -16.57 3.29
C9 FAD F . -16.61 -14.22 3.49
C9A FAD F . -15.70 -13.13 3.40
N10 FAD F . -16.01 -11.78 3.79
C10 FAD F . -15.05 -10.72 3.75
C1' FAD F . -17.38 -11.44 4.29
C2' FAD F . -17.49 -11.29 5.80
O2' FAD F . -16.84 -12.44 6.38
C3' FAD F . -18.95 -11.21 6.19
O3' FAD F . -19.50 -10.07 5.53
C4' FAD F . -19.15 -10.98 7.70
O4' FAD F . -18.57 -12.11 8.43
C5' FAD F . -20.61 -10.92 8.00
O5' FAD F . -20.79 -10.61 9.40
P FAD F . -22.20 -10.93 10.07
O1P FAD F . -22.07 -10.42 11.43
O2P FAD F . -23.33 -10.39 9.21
O3P FAD F . -22.38 -12.49 10.15
C1 GOL G . -21.61 -16.17 -8.65
O1 GOL G . -20.99 -16.53 -10.09
C2 GOL G . -20.88 -15.91 -7.50
O2 GOL G . -19.68 -16.53 -7.54
C3 GOL G . -21.50 -15.19 -6.75
O3 GOL G . -21.89 -13.96 -5.89
C1 GOL H . 5.12 -33.36 8.18
O1 GOL H . 6.30 -32.29 8.31
C2 GOL H . 3.75 -33.05 8.07
O2 GOL H . 3.39 -32.11 8.97
C3 GOL H . 3.26 -33.72 7.20
O3 GOL H . 2.17 -34.36 6.27
C1 GOL I . 5.36 -1.29 -19.06
O1 GOL I . 5.60 -0.34 -17.79
C2 GOL I . 6.28 -1.54 -20.08
O2 GOL I . 6.22 -0.60 -21.03
C3 GOL I . 6.90 -2.55 -19.83
O3 GOL I . 7.97 -3.51 -19.19
C1 GOL J . -11.40 -0.76 16.58
O1 GOL J . -12.18 0.56 17.06
C2 GOL J . -11.99 -1.95 16.14
O2 GOL J . -11.97 -2.89 17.10
C3 GOL J . -12.36 -1.82 15.00
O3 GOL J . -13.32 -1.72 13.77
C1 GOL K . 1.28 -12.05 -8.52
O1 GOL K . 1.09 -13.61 -8.84
C2 GOL K . 1.93 -11.51 -7.40
O2 GOL K . 3.26 -11.39 -7.61
C3 GOL K . 1.13 -11.32 -6.52
O3 GOL K . -0.14 -11.48 -5.62
P PO4 L . 25.38 17.95 16.46
O1 PO4 L . 24.43 18.07 17.59
O2 PO4 L . 24.99 18.89 15.38
O3 PO4 L . 26.75 18.28 16.93
O4 PO4 L . 25.36 16.56 15.94
P PO4 M . 22.33 13.57 13.37
O1 PO4 M . 20.93 13.33 13.79
O2 PO4 M . 23.18 12.47 13.88
O3 PO4 M . 22.39 13.60 11.89
O4 PO4 M . 22.80 14.86 13.91
C1 ELI N . 12.45 6.59 -17.75
C2 ELI N . 13.17 7.88 -17.52
C3 ELI N . 13.19 8.51 -16.15
C4 ELI N . 12.46 7.78 -14.97
C5 ELI N . 11.74 6.47 -15.23
C6 ELI N . 11.75 5.88 -16.61
O7 ELI N . 14.55 10.47 -16.89
C10 ELI N . 13.95 9.86 -15.91
C11 ELI N . 12.46 8.41 -13.49
C14 ELI N . 13.24 9.82 -13.27
C15 ELI N . 13.93 10.48 -14.37
O16 ELI N . 11.88 7.83 -12.57
C17 ELI N . 13.17 10.34 -11.78
C18 ELI N . 14.67 11.80 -14.22
C19 ELI N . 13.79 12.95 -14.86
C20 ELI N . 12.87 14.04 -15.31
C23 ELI N . 12.15 13.29 -16.38
C26 ELI N . 11.01 14.32 -16.34
C43 ELI N . 10.08 14.82 -17.41
O44 ELI N . 8.94 15.15 -17.38
O45 ELI N . 10.67 14.95 -18.60
PA FAD O . 20.16 15.98 -10.27
O1A FAD O . 19.19 14.98 -10.78
O2A FAD O . 21.30 15.69 -9.37
O5B FAD O . 20.62 16.65 -11.64
C5B FAD O . 21.59 17.69 -11.83
C4B FAD O . 22.37 17.33 -13.12
O4B FAD O . 23.20 18.47 -13.42
C3B FAD O . 23.33 16.13 -13.02
O3B FAD O . 23.10 15.18 -14.02
C2B FAD O . 24.71 16.77 -13.06
O2B FAD O . 25.82 15.97 -13.53
C1B FAD O . 24.47 18.04 -13.87
N9A FAD O . 25.37 19.20 -13.65
C8A FAD O . 25.86 19.69 -12.45
N7A FAD O . 26.62 20.76 -12.58
C5A FAD O . 26.66 20.99 -13.93
C6A FAD O . 27.29 21.99 -14.77
N6A FAD O . 28.06 22.95 -14.23
N1A FAD O . 27.12 21.94 -16.13
C2A FAD O . 26.34 20.95 -16.72
N3A FAD O . 25.69 19.97 -16.00
C4A FAD O . 25.88 20.03 -14.60
N1 FAD O . 14.01 11.24 -4.09
C2 FAD O . 12.74 10.72 -4.12
O2 FAD O . 11.73 11.42 -4.40
N3 FAD O . 12.57 9.34 -3.85
C4 FAD O . 13.63 8.48 -3.54
O4 FAD O . 13.38 7.27 -3.35
C4X FAD O . 14.95 9.03 -3.49
N5 FAD O . 16.09 8.22 -3.20
C5X FAD O . 17.36 8.76 -3.27
C6 FAD O . 18.52 7.94 -3.02
C7 FAD O . 19.84 8.45 -3.11
C7M FAD O . 20.97 7.47 -2.82
C8 FAD O . 20.06 9.84 -3.46
C8M FAD O . 21.41 10.53 -3.59
C9 FAD O . 18.90 10.67 -3.69
C9A FAD O . 17.56 10.19 -3.61
N10 FAD O . 16.39 10.98 -3.85
C10 FAD O . 15.06 10.44 -3.81
C1' FAD O . 16.50 12.42 -4.20
C2' FAD O . 16.33 12.74 -5.69
O2' FAD O . 17.14 11.78 -6.41
C3' FAD O . 16.76 14.17 -5.95
O3' FAD O . 15.92 15.00 -5.16
C4' FAD O . 16.58 14.59 -7.43
O4' FAD O . 17.37 13.73 -8.29
C5' FAD O . 17.06 15.99 -7.65
O5' FAD O . 16.84 16.42 -9.00
P FAD O . 17.75 17.63 -9.57
O1P FAD O . 17.22 17.86 -10.91
O2P FAD O . 17.65 18.77 -8.57
O3P FAD O . 19.29 17.22 -9.67
C1 GOL P . 5.85 9.02 20.35
O1 GOL P . 4.44 8.25 20.30
C2 GOL P . 6.78 8.93 21.38
O2 GOL P . 6.23 9.23 22.56
C3 GOL P . 7.85 8.60 20.93
O3 GOL P . 9.31 8.02 20.87
C1 GOL Q . 23.00 9.04 -20.58
O1 GOL Q . 23.40 7.56 -20.10
C2 GOL Q . 23.61 9.76 -21.61
O2 GOL Q . 24.88 10.08 -21.28
C3 GOL Q . 22.83 9.91 -22.52
O3 GOL Q . 22.16 10.52 -23.79
C1 GOL R . 19.17 12.91 10.93
O1 GOL R . 19.17 12.14 12.33
C2 GOL R . 18.18 13.82 10.51
O2 GOL R . 18.28 14.98 11.18
C3 GOL R . 17.51 13.30 9.65
O3 GOL R . 16.26 12.72 8.92
C1 GOL S . 0.34 -8.49 18.30
O1 GOL S . -0.33 -7.29 17.46
C2 GOL S . 0.46 -9.82 17.89
O2 GOL S . -0.56 -10.17 17.08
C3 GOL S . 1.46 -10.31 18.36
O3 GOL S . 2.79 -11.13 18.47
C1 GOL T . -12.22 -4.45 11.82
O1 GOL T . -12.41 -4.23 10.23
C2 GOL T . -11.49 -5.47 12.42
O2 GOL T . -12.19 -6.61 12.47
C3 GOL T . -10.41 -5.05 12.75
O3 GOL T . -8.96 -5.03 13.34
C1 GOL U . 4.40 12.15 -16.20
O1 GOL U . 2.83 12.41 -15.94
C2 GOL U . 5.33 11.78 -15.22
O2 GOL U . 5.08 12.38 -14.05
C3 GOL U . 6.13 11.01 -15.71
O3 GOL U . 7.42 10.47 -16.41
C1 GOL V . 10.70 -5.81 4.75
O1 GOL V . 10.56 -4.24 4.43
C2 GOL V . 10.56 -6.40 6.01
O2 GOL V . 10.86 -5.54 7.01
C3 GOL V . 10.20 -7.54 5.88
O3 GOL V . 9.84 -8.89 5.19
#